data_3NTQ
#
_entry.id   3NTQ
#
_cell.length_a   184.387
_cell.length_b   184.387
_cell.length_c   184.387
_cell.angle_alpha   90.000
_cell.angle_beta   90.000
_cell.angle_gamma   90.000
#
_symmetry.space_group_name_H-M   'I 21 3'
#
loop_
_entity.id
_entity.type
_entity.pdbx_description
1 polymer 'Inositol 2-dehydrogenase/D-chiro-inositol 3-dehydrogenase'
2 non-polymer NICOTINAMIDE-ADENINE-DINUCLEOTIDE
3 water water
#
_entity_poly.entity_id   1
_entity_poly.type   'polypeptide(L)'
_entity_poly.pdbx_seq_one_letter_code
;MSLRIGVIGTGAIGKEHINRITNKLSGAEIVAVTDVNQEAAQKVVEQYQLNATVYPNDDSLLADENVDAVLVTSWGPAHE
SSVLKAIKAQKYVFCEVPLATTAEGCMRIVEEEIKVGKRLVQVGFMRRYDSGYVQLKEALDNHVIGEPLMIHCAHRNPTV
GDNYTTDMAVVDTLVHEIDVLHWLVNDDYESVQVIYPKKSKNALPHLKDPQIVVIETKGGIVINAEIYVNCKYGYDIQCE
IVGEDGIIKLPEPSSISLRKEGRFSTDILMDWQRRFVAAYDVEIQDFIDSIQKKGEVSGPTAWDGYIAAVTTDACVKAQE
SGQKEKVELKEKPEFYQSFTTVQN
;
_entity_poly.pdbx_strand_id   A,B
#
loop_
_chem_comp.id
_chem_comp.type
_chem_comp.name
_chem_comp.formula
NAD non-polymer NICOTINAMIDE-ADENINE-DINUCLEOTIDE 'C21 H27 N7 O14 P2'
#
# COMPACT_ATOMS: atom_id res chain seq x y z
N MET A 1 -11.49 24.96 40.97
CA MET A 1 -12.55 24.02 41.34
C MET A 1 -12.69 22.87 40.31
N SER A 2 -12.25 21.66 40.69
CA SER A 2 -12.01 20.58 39.73
C SER A 2 -13.18 19.61 39.45
N LEU A 3 -13.31 19.20 38.17
CA LEU A 3 -14.34 18.28 37.68
C LEU A 3 -14.35 16.93 38.37
N ARG A 4 -15.53 16.53 38.83
CA ARG A 4 -15.67 15.30 39.61
C ARG A 4 -16.11 14.11 38.74
N ILE A 5 -15.20 13.15 38.60
CA ILE A 5 -15.36 12.08 37.63
C ILE A 5 -15.59 10.74 38.29
N GLY A 6 -16.62 10.04 37.81
CA GLY A 6 -16.88 8.68 38.22
C GLY A 6 -16.52 7.67 37.14
N VAL A 7 -15.78 6.63 37.52
CA VAL A 7 -15.37 5.61 36.57
C VAL A 7 -16.20 4.34 36.61
N ILE A 8 -16.80 3.97 35.48
CA ILE A 8 -17.53 2.72 35.37
C ILE A 8 -16.65 1.64 34.71
N GLY A 9 -16.18 0.71 35.52
CA GLY A 9 -15.35 -0.34 34.98
C GLY A 9 -13.91 -0.10 35.30
N THR A 10 -13.43 -0.76 36.34
CA THR A 10 -12.09 -0.53 36.82
C THR A 10 -11.16 -1.64 36.39
N GLY A 11 -11.19 -1.94 35.09
CA GLY A 11 -10.29 -2.93 34.53
C GLY A 11 -8.92 -2.38 34.24
N ALA A 12 -8.19 -3.00 33.33
CA ALA A 12 -6.84 -2.53 33.02
C ALA A 12 -6.81 -1.14 32.40
N ILE A 13 -7.75 -0.83 31.50
CA ILE A 13 -7.71 0.45 30.81
C ILE A 13 -8.38 1.57 31.61
N GLY A 14 -9.41 1.21 32.37
CA GLY A 14 -10.04 2.16 33.26
C GLY A 14 -9.08 2.49 34.40
N LYS A 15 -8.21 1.55 34.75
CA LYS A 15 -7.15 1.84 35.73
C LYS A 15 -6.11 2.82 35.16
N GLU A 16 -5.84 2.73 33.87
CA GLU A 16 -4.88 3.62 33.26
C GLU A 16 -5.41 5.05 33.24
N HIS A 17 -6.69 5.18 32.94
CA HIS A 17 -7.36 6.47 32.93
C HIS A 17 -7.49 7.11 34.34
N ILE A 18 -7.64 6.27 35.36
CA ILE A 18 -7.70 6.74 36.74
C ILE A 18 -6.34 7.27 37.15
N ASN A 19 -5.30 6.61 36.67
CA ASN A 19 -3.96 7.05 36.98
C ASN A 19 -3.59 8.34 36.28
N ARG A 20 -3.96 8.50 35.01
CA ARG A 20 -3.57 9.74 34.35
C ARG A 20 -4.30 10.92 34.98
N ILE A 21 -5.62 10.81 35.13
CA ILE A 21 -6.41 11.82 35.81
C ILE A 21 -5.89 12.16 37.22
N THR A 22 -5.39 11.17 37.93
CA THR A 22 -4.94 11.38 39.30
C THR A 22 -3.53 11.98 39.41
N ASN A 23 -2.63 11.59 38.52
CA ASN A 23 -1.20 11.84 38.71
C ASN A 23 -0.48 12.52 37.54
N LYS A 24 -1.21 12.79 36.47
CA LYS A 24 -0.59 13.36 35.29
C LYS A 24 -1.34 14.56 34.69
N LEU A 25 -2.67 14.50 34.66
CA LEU A 25 -3.47 15.58 34.09
C LEU A 25 -3.84 16.71 35.08
N SER A 26 -4.67 17.66 34.66
CA SER A 26 -4.98 18.81 35.49
C SER A 26 -6.48 19.10 35.54
N GLY A 27 -6.96 19.36 36.75
CA GLY A 27 -8.31 19.85 36.94
C GLY A 27 -9.44 18.83 37.02
N ALA A 28 -9.18 17.66 37.61
CA ALA A 28 -10.21 16.64 37.72
C ALA A 28 -9.83 15.60 38.77
N GLU A 29 -10.84 14.97 39.35
CA GLU A 29 -10.62 13.91 40.33
C GLU A 29 -11.65 12.81 40.22
N ILE A 30 -11.27 11.63 40.68
CA ILE A 30 -12.14 10.47 40.66
C ILE A 30 -12.81 10.40 42.02
N VAL A 31 -14.13 10.52 42.04
CA VAL A 31 -14.88 10.60 43.29
C VAL A 31 -15.77 9.38 43.46
N ALA A 32 -15.73 8.47 42.50
CA ALA A 32 -16.67 7.37 42.45
C ALA A 32 -16.24 6.33 41.40
N VAL A 33 -16.36 5.05 41.77
CA VAL A 33 -16.08 3.94 40.87
C VAL A 33 -17.14 2.84 41.05
N THR A 34 -17.36 2.06 40.00
CA THR A 34 -18.13 0.83 40.15
C THR A 34 -17.61 -0.19 39.20
N ASP A 35 -17.35 -1.38 39.70
CA ASP A 35 -17.03 -2.49 38.85
C ASP A 35 -18.04 -3.59 39.04
N VAL A 36 -17.94 -4.61 38.22
CA VAL A 36 -18.80 -5.78 38.28
C VAL A 36 -18.21 -6.75 39.29
N ASN A 37 -16.89 -6.68 39.43
CA ASN A 37 -16.19 -7.33 40.51
C ASN A 37 -15.97 -6.28 41.59
N GLN A 38 -17.03 -5.95 42.34
CA GLN A 38 -16.99 -4.90 43.35
C GLN A 38 -15.78 -4.98 44.30
N GLU A 39 -15.22 -6.16 44.47
CA GLU A 39 -14.02 -6.30 45.29
C GLU A 39 -12.80 -5.64 44.62
N ALA A 40 -12.70 -5.79 43.29
CA ALA A 40 -11.62 -5.17 42.52
C ALA A 40 -11.67 -3.64 42.57
N ALA A 41 -12.89 -3.10 42.62
CA ALA A 41 -13.12 -1.65 42.66
C ALA A 41 -12.68 -1.04 43.99
N GLN A 42 -12.77 -1.81 45.05
CA GLN A 42 -12.30 -1.36 46.34
C GLN A 42 -10.77 -1.36 46.33
N LYS A 43 -10.18 -2.42 45.77
CA LYS A 43 -8.72 -2.53 45.76
C LYS A 43 -8.09 -1.42 44.93
N VAL A 44 -8.86 -0.88 43.98
CA VAL A 44 -8.40 0.21 43.12
C VAL A 44 -8.42 1.52 43.89
N VAL A 45 -9.54 1.78 44.57
CA VAL A 45 -9.66 2.98 45.39
C VAL A 45 -8.50 3.06 46.39
N GLU A 46 -8.06 1.92 46.90
CA GLU A 46 -6.94 1.89 47.84
C GLU A 46 -5.61 2.09 47.12
N GLN A 47 -5.47 1.44 45.98
CA GLN A 47 -4.24 1.42 45.19
C GLN A 47 -3.76 2.83 44.83
N TYR A 48 -4.69 3.65 44.35
CA TYR A 48 -4.41 5.02 43.95
C TYR A 48 -4.84 6.03 45.02
N GLN A 49 -4.85 5.61 46.28
CA GLN A 49 -5.29 6.46 47.38
C GLN A 49 -6.41 7.42 47.01
N LEU A 50 -7.40 6.93 46.29
CA LEU A 50 -8.50 7.77 45.85
C LEU A 50 -9.32 8.17 47.05
N ASN A 51 -10.03 9.28 46.92
CA ASN A 51 -11.06 9.66 47.88
C ASN A 51 -12.41 9.48 47.24
N ALA A 52 -12.82 8.22 47.05
CA ALA A 52 -13.97 7.91 46.22
C ALA A 52 -14.95 6.91 46.83
N THR A 53 -16.23 7.07 46.47
CA THR A 53 -17.31 6.15 46.83
C THR A 53 -17.34 4.93 45.90
N VAL A 54 -17.60 3.73 46.43
CA VAL A 54 -17.69 2.50 45.63
C VAL A 54 -19.11 1.98 45.48
N TYR A 55 -19.73 2.21 44.33
CA TYR A 55 -21.09 1.73 44.09
C TYR A 55 -21.14 0.30 43.55
N PRO A 56 -22.28 -0.36 43.76
CA PRO A 56 -22.46 -1.76 43.35
C PRO A 56 -22.74 -1.83 41.86
N ASN A 57 -23.32 -0.75 41.32
CA ASN A 57 -23.72 -0.72 39.91
C ASN A 57 -23.75 0.70 39.36
N ASP A 58 -23.87 0.83 38.04
CA ASP A 58 -23.92 2.15 37.41
C ASP A 58 -25.01 3.09 37.95
N ASP A 59 -26.28 2.64 37.92
CA ASP A 59 -27.42 3.43 38.42
C ASP A 59 -27.14 4.18 39.72
N SER A 60 -26.57 3.47 40.70
CA SER A 60 -26.24 4.08 41.98
C SER A 60 -25.30 5.26 41.77
N LEU A 61 -24.24 5.01 41.01
CA LEU A 61 -23.20 5.99 40.75
C LEU A 61 -23.74 7.20 39.96
N LEU A 62 -24.61 6.94 38.99
CA LEU A 62 -25.18 8.02 38.19
C LEU A 62 -26.19 8.87 39.00
N ALA A 63 -26.66 8.32 40.12
CA ALA A 63 -27.53 9.05 41.01
C ALA A 63 -26.74 10.05 41.83
N ASP A 64 -25.59 9.61 42.33
CA ASP A 64 -24.69 10.49 43.09
C ASP A 64 -24.53 11.86 42.42
N GLU A 65 -24.81 12.92 43.18
CA GLU A 65 -24.81 14.28 42.63
C GLU A 65 -23.43 14.93 42.63
N ASN A 66 -22.45 14.29 43.28
CA ASN A 66 -21.06 14.69 43.15
C ASN A 66 -20.65 14.68 41.69
N VAL A 67 -20.76 13.50 41.08
CA VAL A 67 -20.20 13.23 39.77
C VAL A 67 -20.82 14.07 38.63
N ASP A 68 -19.97 14.89 38.01
CA ASP A 68 -20.39 15.67 36.86
C ASP A 68 -20.18 14.85 35.61
N ALA A 69 -19.20 13.95 35.63
CA ALA A 69 -18.84 13.18 34.44
C ALA A 69 -18.35 11.76 34.72
N VAL A 70 -18.64 10.85 33.79
CA VAL A 70 -18.24 9.45 33.93
C VAL A 70 -17.36 8.91 32.78
N LEU A 71 -16.41 8.05 33.13
CA LEU A 71 -15.69 7.29 32.13
C LEU A 71 -16.38 5.94 31.98
N VAL A 72 -16.82 5.60 30.77
CA VAL A 72 -17.30 4.23 30.55
C VAL A 72 -16.14 3.38 30.02
N THR A 73 -15.58 2.55 30.88
CA THR A 73 -14.39 1.78 30.55
C THR A 73 -14.51 0.34 31.03
N SER A 74 -15.69 -0.23 30.84
CA SER A 74 -15.98 -1.60 31.23
C SER A 74 -15.87 -2.55 30.03
N TRP A 75 -16.04 -3.83 30.30
CA TRP A 75 -16.17 -4.86 29.27
C TRP A 75 -17.02 -4.39 28.08
N GLY A 76 -16.60 -4.71 26.85
CA GLY A 76 -17.14 -4.13 25.61
C GLY A 76 -18.64 -4.02 25.38
N PRO A 77 -19.37 -5.14 25.49
CA PRO A 77 -20.82 -5.11 25.24
C PRO A 77 -21.60 -4.44 26.36
N ALA A 78 -20.92 -4.19 27.47
CA ALA A 78 -21.54 -3.53 28.62
C ALA A 78 -21.43 -2.01 28.53
N HIS A 79 -21.10 -1.51 27.35
CA HIS A 79 -20.90 -0.08 27.16
C HIS A 79 -22.24 0.58 26.90
N GLU A 80 -22.90 0.16 25.84
CA GLU A 80 -24.19 0.73 25.44
C GLU A 80 -25.10 0.97 26.64
N SER A 81 -25.22 -0.06 27.48
CA SER A 81 -26.08 0.02 28.65
C SER A 81 -25.71 1.23 29.52
N SER A 82 -24.43 1.34 29.88
CA SER A 82 -23.96 2.37 30.80
C SER A 82 -23.97 3.78 30.20
N VAL A 83 -23.87 3.88 28.89
CA VAL A 83 -23.90 5.20 28.23
C VAL A 83 -25.30 5.79 28.18
N LEU A 84 -26.29 4.97 27.83
CA LEU A 84 -27.69 5.38 27.86
C LEU A 84 -28.12 5.86 29.26
N LYS A 85 -27.74 5.11 30.28
CA LYS A 85 -28.04 5.51 31.65
C LYS A 85 -27.42 6.87 31.97
N ALA A 86 -26.13 7.02 31.68
CA ALA A 86 -25.42 8.28 31.96
C ALA A 86 -25.99 9.48 31.20
N ILE A 87 -26.50 9.25 29.99
CA ILE A 87 -27.12 10.32 29.22
C ILE A 87 -28.41 10.79 29.86
N LYS A 88 -29.25 9.83 30.26
CA LYS A 88 -30.50 10.12 30.95
C LYS A 88 -30.26 10.73 32.34
N ALA A 89 -29.26 10.22 33.06
CA ALA A 89 -28.86 10.82 34.33
C ALA A 89 -28.19 12.19 34.09
N GLN A 90 -28.04 12.52 32.81
CA GLN A 90 -27.44 13.77 32.37
C GLN A 90 -26.04 14.12 32.90
N LYS A 91 -25.15 13.12 32.90
CA LYS A 91 -23.74 13.34 33.21
C LYS A 91 -22.96 13.36 31.89
N TYR A 92 -21.77 13.97 31.93
CA TYR A 92 -20.83 13.87 30.82
C TYR A 92 -20.20 12.46 30.77
N VAL A 93 -20.20 11.87 29.58
CA VAL A 93 -19.61 10.54 29.46
C VAL A 93 -18.45 10.49 28.46
N PHE A 94 -17.30 10.03 28.93
CA PHE A 94 -16.23 9.62 28.05
C PHE A 94 -16.26 8.12 27.90
N CYS A 95 -16.63 7.63 26.72
CA CYS A 95 -16.79 6.20 26.49
C CYS A 95 -15.71 5.60 25.59
N GLU A 96 -14.92 4.68 26.14
CA GLU A 96 -13.93 3.96 25.34
C GLU A 96 -14.56 3.15 24.20
N VAL A 97 -13.81 3.00 23.12
CA VAL A 97 -14.19 2.16 21.99
C VAL A 97 -14.45 0.71 22.43
N PRO A 98 -15.56 0.11 21.97
CA PRO A 98 -16.55 0.68 21.05
C PRO A 98 -17.64 1.44 21.81
N LEU A 99 -18.37 2.30 21.12
CA LEU A 99 -19.51 2.99 21.71
C LEU A 99 -20.58 1.95 22.07
N ALA A 100 -20.88 1.07 21.11
CA ALA A 100 -21.71 -0.11 21.35
C ALA A 100 -21.34 -1.19 20.33
N THR A 101 -21.68 -2.43 20.61
CA THR A 101 -21.22 -3.52 19.74
C THR A 101 -22.08 -3.75 18.49
N THR A 102 -23.27 -3.15 18.45
CA THR A 102 -24.16 -3.21 17.28
C THR A 102 -24.43 -1.82 16.71
N ALA A 103 -24.77 -1.76 15.42
CA ALA A 103 -25.02 -0.47 14.79
C ALA A 103 -26.26 0.24 15.34
N GLU A 104 -27.33 -0.52 15.61
CA GLU A 104 -28.52 0.07 16.22
C GLU A 104 -28.25 0.54 17.65
N GLY A 105 -27.35 -0.17 18.34
CA GLY A 105 -26.96 0.23 19.68
C GLY A 105 -26.41 1.65 19.71
N CYS A 106 -25.66 2.01 18.69
CA CYS A 106 -25.14 3.37 18.57
C CYS A 106 -26.26 4.34 18.21
N MET A 107 -27.22 3.85 17.43
CA MET A 107 -28.34 4.70 17.03
C MET A 107 -29.19 5.08 18.25
N ARG A 108 -29.42 4.12 19.15
CA ARG A 108 -30.19 4.41 20.35
C ARG A 108 -29.54 5.51 21.16
N ILE A 109 -28.21 5.52 21.17
CA ILE A 109 -27.42 6.46 21.96
C ILE A 109 -27.40 7.86 21.35
N VAL A 110 -27.40 7.93 20.02
CA VAL A 110 -27.50 9.19 19.32
C VAL A 110 -28.84 9.88 19.64
N GLU A 111 -29.91 9.11 19.54
CA GLU A 111 -31.25 9.60 19.81
C GLU A 111 -31.40 10.19 21.20
N GLU A 112 -30.80 9.52 22.19
CA GLU A 112 -30.81 10.05 23.55
C GLU A 112 -30.02 11.37 23.70
N GLU A 113 -28.82 11.41 23.15
CA GLU A 113 -28.02 12.64 23.20
C GLU A 113 -28.73 13.76 22.44
N ILE A 114 -29.34 13.43 21.31
CA ILE A 114 -30.08 14.40 20.50
C ILE A 114 -31.13 15.15 21.32
N LYS A 115 -31.87 14.41 22.15
CA LYS A 115 -32.87 14.98 23.03
C LYS A 115 -32.23 15.88 24.07
N VAL A 116 -31.35 15.32 24.89
CA VAL A 116 -30.74 16.05 25.99
C VAL A 116 -29.94 17.31 25.56
N GLY A 117 -30.34 17.90 24.43
CA GLY A 117 -29.98 19.27 24.11
C GLY A 117 -28.56 19.59 23.69
N LYS A 118 -27.58 19.09 24.44
CA LYS A 118 -26.16 19.33 24.10
C LYS A 118 -25.33 18.05 24.02
N ARG A 119 -24.04 18.22 23.71
CA ARG A 119 -23.12 17.09 23.59
C ARG A 119 -22.60 16.64 24.94
N LEU A 120 -22.94 15.41 25.30
CA LEU A 120 -22.52 14.80 26.56
C LEU A 120 -21.48 13.71 26.30
N VAL A 121 -21.57 13.11 25.11
CA VAL A 121 -20.78 11.93 24.73
C VAL A 121 -19.56 12.21 23.83
N GLN A 122 -18.38 11.94 24.38
CA GLN A 122 -17.12 11.83 23.62
C GLN A 122 -16.73 10.36 23.51
N VAL A 123 -16.43 9.88 22.30
CA VAL A 123 -15.93 8.52 22.11
C VAL A 123 -14.41 8.50 22.12
N GLY A 124 -13.81 7.53 22.79
CA GLY A 124 -12.36 7.47 22.96
C GLY A 124 -11.49 7.00 21.79
N PHE A 125 -11.70 7.59 20.61
CA PHE A 125 -10.87 7.37 19.43
C PHE A 125 -9.63 8.28 19.48
N MET A 126 -8.59 7.82 20.18
CA MET A 126 -7.47 8.68 20.56
C MET A 126 -6.56 9.15 19.41
N ARG A 127 -6.55 8.42 18.31
CA ARG A 127 -5.72 8.80 17.17
C ARG A 127 -5.86 10.26 16.74
N ARG A 128 -7.07 10.81 16.81
CA ARG A 128 -7.29 12.21 16.41
C ARG A 128 -6.46 13.18 17.24
N TYR A 129 -5.88 12.72 18.35
CA TYR A 129 -5.08 13.57 19.22
C TYR A 129 -3.57 13.32 19.12
N ASP A 130 -3.19 12.28 18.40
CA ASP A 130 -1.79 11.99 18.17
C ASP A 130 -1.19 13.01 17.18
N SER A 131 0.04 13.44 17.44
CA SER A 131 0.62 14.59 16.76
C SER A 131 0.92 14.31 15.30
N GLY A 132 1.19 13.04 15.02
CA GLY A 132 1.29 12.59 13.65
C GLY A 132 0.01 12.86 12.90
N TYR A 133 -1.07 12.25 13.36
CA TYR A 133 -2.35 12.35 12.68
C TYR A 133 -2.83 13.78 12.64
N VAL A 134 -2.52 14.56 13.68
CA VAL A 134 -2.86 15.99 13.70
C VAL A 134 -2.18 16.77 12.60
N GLN A 135 -0.94 16.43 12.30
CA GLN A 135 -0.17 17.06 11.21
C GLN A 135 -0.73 16.68 9.83
N LEU A 136 -1.09 15.42 9.65
CA LEU A 136 -1.68 14.98 8.38
C LEU A 136 -2.92 15.82 8.17
N LYS A 137 -3.74 15.94 9.23
CA LYS A 137 -4.97 16.69 9.16
C LYS A 137 -4.69 18.11 8.68
N GLU A 138 -3.70 18.76 9.30
CA GLU A 138 -3.32 20.13 8.98
C GLU A 138 -2.89 20.29 7.52
N ALA A 139 -2.12 19.34 7.01
CA ALA A 139 -1.68 19.41 5.62
C ALA A 139 -2.85 19.23 4.67
N LEU A 140 -3.76 18.32 4.98
CA LEU A 140 -4.92 18.13 4.14
C LEU A 140 -5.83 19.34 4.16
N ASP A 141 -6.05 19.93 5.34
CA ASP A 141 -6.85 21.12 5.49
C ASP A 141 -6.27 22.29 4.71
N ASN A 142 -4.95 22.25 4.49
CA ASN A 142 -4.27 23.32 3.77
C ASN A 142 -4.11 23.05 2.28
N HIS A 143 -4.63 21.92 1.83
CA HIS A 143 -4.60 21.56 0.39
C HIS A 143 -3.18 21.40 -0.11
N VAL A 144 -2.30 20.95 0.77
CA VAL A 144 -0.91 20.81 0.47
C VAL A 144 -0.70 19.86 -0.70
N ILE A 145 -1.50 18.80 -0.76
CA ILE A 145 -1.36 17.81 -1.82
C ILE A 145 -2.59 17.74 -2.73
N GLY A 146 -3.42 18.79 -2.72
CA GLY A 146 -4.68 18.75 -3.45
C GLY A 146 -5.65 17.69 -2.96
N GLU A 147 -6.40 17.08 -3.89
CA GLU A 147 -7.48 16.15 -3.55
C GLU A 147 -6.97 14.75 -3.24
N PRO A 148 -7.23 14.26 -2.03
CA PRO A 148 -6.90 12.86 -1.73
C PRO A 148 -7.54 11.93 -2.75
N LEU A 149 -6.79 10.93 -3.20
CA LEU A 149 -7.29 9.95 -4.17
C LEU A 149 -7.19 8.52 -3.65
N MET A 150 -6.09 8.21 -2.96
CA MET A 150 -5.94 6.89 -2.37
C MET A 150 -5.27 6.97 -1.01
N ILE A 151 -5.47 5.95 -0.19
CA ILE A 151 -4.82 5.83 1.09
C ILE A 151 -4.32 4.39 1.23
N HIS A 152 -3.06 4.23 1.61
CA HIS A 152 -2.54 2.91 1.94
C HIS A 152 -2.22 2.95 3.41
N CYS A 153 -2.58 1.91 4.15
CA CYS A 153 -2.27 1.90 5.57
C CYS A 153 -2.25 0.51 6.13
N ALA A 154 -1.68 0.38 7.33
CA ALA A 154 -1.36 -0.91 7.88
C ALA A 154 -1.36 -0.82 9.37
N HIS A 155 -1.83 -1.88 10.00
CA HIS A 155 -1.90 -1.99 11.43
C HIS A 155 -1.34 -3.35 11.77
N ARG A 156 -0.12 -3.40 12.24
CA ARG A 156 0.55 -4.65 12.54
C ARG A 156 0.87 -4.80 14.02
N ASN A 157 0.85 -6.04 14.50
CA ASN A 157 1.02 -6.36 15.92
C ASN A 157 1.86 -7.65 16.02
N PRO A 158 2.80 -7.73 16.97
CA PRO A 158 3.69 -8.90 17.01
C PRO A 158 2.97 -10.28 17.03
N THR A 159 2.16 -10.50 18.06
CA THR A 159 1.45 -11.75 18.18
C THR A 159 0.19 -11.50 19.00
N VAL A 160 -0.77 -12.42 18.91
CA VAL A 160 -2.00 -12.30 19.69
C VAL A 160 -2.23 -13.55 20.52
N GLY A 161 -3.22 -13.50 21.42
CA GLY A 161 -3.49 -14.62 22.30
C GLY A 161 -4.38 -15.70 21.67
N ASP A 162 -4.79 -16.65 22.51
CA ASP A 162 -5.69 -17.71 22.06
C ASP A 162 -7.09 -17.13 21.87
N ASN A 163 -7.27 -15.95 22.43
CA ASN A 163 -8.58 -15.29 22.46
C ASN A 163 -8.91 -14.44 21.23
N TYR A 164 -7.94 -14.26 20.33
CA TYR A 164 -8.12 -13.33 19.22
C TYR A 164 -8.71 -14.00 17.97
N THR A 165 -9.92 -13.55 17.61
CA THR A 165 -10.72 -14.19 16.58
C THR A 165 -10.83 -13.34 15.30
N THR A 166 -11.03 -14.01 14.17
CA THR A 166 -11.02 -13.39 12.86
C THR A 166 -11.82 -12.08 12.75
N ASP A 167 -12.94 -11.98 13.45
CA ASP A 167 -13.73 -10.76 13.39
C ASP A 167 -13.09 -9.62 14.20
N MET A 168 -12.37 -9.97 15.27
CA MET A 168 -11.76 -8.96 16.12
C MET A 168 -10.79 -8.07 15.33
N ALA A 169 -10.22 -8.61 14.26
CA ALA A 169 -9.32 -7.87 13.38
C ALA A 169 -9.96 -6.62 12.76
N VAL A 170 -11.27 -6.65 12.54
CA VAL A 170 -11.99 -5.51 11.96
C VAL A 170 -12.89 -4.81 12.96
N VAL A 171 -12.98 -5.34 14.18
CA VAL A 171 -13.92 -4.82 15.16
C VAL A 171 -13.20 -4.12 16.31
N ASP A 172 -12.09 -4.72 16.75
CA ASP A 172 -11.28 -4.18 17.82
C ASP A 172 -10.02 -3.48 17.30
N THR A 173 -9.59 -3.88 16.10
CA THR A 173 -8.30 -3.44 15.59
C THR A 173 -8.42 -2.38 14.49
N LEU A 174 -8.93 -2.76 13.33
CA LEU A 174 -9.09 -1.83 12.22
C LEU A 174 -10.08 -0.70 12.54
N VAL A 175 -10.66 -0.74 13.73
CA VAL A 175 -11.68 0.22 14.12
C VAL A 175 -11.15 1.65 14.25
N HIS A 176 -9.92 1.82 14.74
CA HIS A 176 -9.31 3.15 14.82
C HIS A 176 -8.98 3.72 13.45
N GLU A 177 -8.45 2.87 12.57
CA GLU A 177 -8.23 3.29 11.18
C GLU A 177 -9.54 3.80 10.58
N ILE A 178 -10.60 3.03 10.78
CA ILE A 178 -11.92 3.39 10.26
C ILE A 178 -12.41 4.73 10.78
N ASP A 179 -12.19 5.02 12.07
CA ASP A 179 -12.56 6.32 12.57
C ASP A 179 -11.69 7.47 12.06
N VAL A 180 -10.38 7.30 12.22
CA VAL A 180 -9.45 8.36 11.87
C VAL A 180 -9.47 8.71 10.39
N LEU A 181 -9.58 7.70 9.51
CA LEU A 181 -9.43 7.97 8.09
C LEU A 181 -10.52 8.89 7.55
N HIS A 182 -11.77 8.65 7.92
CA HIS A 182 -12.85 9.48 7.38
C HIS A 182 -12.87 10.84 8.06
N TRP A 183 -12.39 10.91 9.30
CA TRP A 183 -12.14 12.22 9.92
C TRP A 183 -11.13 13.10 9.14
N LEU A 184 -10.08 12.47 8.61
CA LEU A 184 -9.03 13.20 7.88
C LEU A 184 -9.51 13.72 6.55
N VAL A 185 -10.13 12.85 5.77
CA VAL A 185 -10.53 13.15 4.39
C VAL A 185 -11.92 13.77 4.28
N ASN A 186 -12.64 13.80 5.39
CA ASN A 186 -13.97 14.41 5.43
C ASN A 186 -14.90 13.82 4.37
N ASP A 187 -15.07 12.50 4.43
CA ASP A 187 -15.89 11.77 3.48
C ASP A 187 -16.46 10.53 4.15
N ASP A 188 -17.42 9.89 3.49
CA ASP A 188 -18.12 8.76 4.07
C ASP A 188 -17.83 7.48 3.30
N TYR A 189 -17.76 6.38 4.00
CA TYR A 189 -17.53 5.10 3.34
C TYR A 189 -18.73 4.67 2.50
N GLU A 190 -18.46 3.94 1.42
CA GLU A 190 -19.48 3.47 0.49
C GLU A 190 -19.49 1.95 0.39
N SER A 191 -18.40 1.36 -0.09
CA SER A 191 -18.26 -0.10 -0.08
C SER A 191 -17.07 -0.57 0.76
N VAL A 192 -17.11 -1.82 1.22
CA VAL A 192 -15.94 -2.49 1.79
C VAL A 192 -15.80 -3.88 1.21
N GLN A 193 -14.56 -4.36 1.12
CA GLN A 193 -14.27 -5.67 0.55
C GLN A 193 -13.13 -6.26 1.32
N VAL A 194 -13.14 -7.57 1.54
CA VAL A 194 -12.09 -8.21 2.33
C VAL A 194 -11.41 -9.30 1.54
N ILE A 195 -10.08 -9.26 1.53
CA ILE A 195 -9.26 -10.22 0.78
C ILE A 195 -8.26 -10.90 1.71
N TYR A 196 -8.25 -12.23 1.71
CA TYR A 196 -7.36 -13.00 2.57
C TYR A 196 -6.12 -13.48 1.83
N PRO A 197 -4.94 -13.00 2.24
CA PRO A 197 -3.72 -13.54 1.63
C PRO A 197 -3.37 -14.88 2.27
N LYS A 198 -2.48 -15.62 1.61
CA LYS A 198 -1.84 -16.79 2.20
C LYS A 198 -1.75 -16.62 3.72
N LYS A 199 -2.22 -17.59 4.49
CA LYS A 199 -2.27 -17.43 5.95
C LYS A 199 -0.90 -17.64 6.62
N SER A 200 -0.64 -16.84 7.64
CA SER A 200 0.68 -16.81 8.30
C SER A 200 0.95 -17.99 9.23
N LYS A 201 2.22 -18.36 9.35
CA LYS A 201 2.63 -19.47 10.21
C LYS A 201 2.59 -19.05 11.65
N ASN A 202 2.43 -17.75 11.87
CA ASN A 202 2.39 -17.20 13.24
C ASN A 202 0.97 -17.10 13.78
N ALA A 203 0.00 -17.24 12.89
CA ALA A 203 -1.41 -17.25 13.27
C ALA A 203 -1.85 -18.63 13.76
N LEU A 204 -2.64 -18.64 14.83
CA LEU A 204 -3.30 -19.87 15.28
C LEU A 204 -4.25 -20.38 14.18
N PRO A 205 -4.74 -21.62 14.31
CA PRO A 205 -5.61 -22.25 13.30
C PRO A 205 -7.00 -21.60 13.13
N HIS A 206 -7.59 -21.10 14.21
CA HIS A 206 -8.93 -20.49 14.14
C HIS A 206 -8.93 -19.06 13.58
N LEU A 207 -7.74 -18.45 13.52
CA LEU A 207 -7.58 -17.06 13.08
C LEU A 207 -7.12 -16.93 11.64
N LYS A 208 -7.70 -15.96 10.93
CA LYS A 208 -7.31 -15.66 9.56
C LYS A 208 -6.46 -14.38 9.51
N ASP A 209 -5.17 -14.56 9.22
CA ASP A 209 -4.18 -13.52 9.41
C ASP A 209 -3.08 -13.63 8.36
N PRO A 210 -2.85 -12.58 7.55
CA PRO A 210 -3.37 -11.22 7.50
C PRO A 210 -4.68 -11.11 6.77
N GLN A 211 -5.14 -9.87 6.64
CA GLN A 211 -6.28 -9.56 5.80
C GLN A 211 -5.98 -8.24 5.13
N ILE A 212 -6.51 -8.05 3.94
CA ILE A 212 -6.49 -6.75 3.31
C ILE A 212 -7.92 -6.27 3.28
N VAL A 213 -8.16 -4.99 3.50
CA VAL A 213 -9.51 -4.50 3.45
C VAL A 213 -9.57 -3.28 2.56
N VAL A 214 -10.22 -3.43 1.42
CA VAL A 214 -10.39 -2.29 0.53
C VAL A 214 -11.67 -1.55 0.88
N ILE A 215 -11.67 -0.22 0.77
CA ILE A 215 -12.80 0.60 1.19
C ILE A 215 -12.88 1.80 0.29
N GLU A 216 -14.04 2.09 -0.28
CA GLU A 216 -14.20 3.27 -1.12
C GLU A 216 -15.10 4.26 -0.45
N THR A 217 -14.77 5.54 -0.54
CA THR A 217 -15.63 6.57 0.00
C THR A 217 -16.65 6.96 -1.08
N LYS A 218 -17.52 7.92 -0.79
CA LYS A 218 -18.50 8.37 -1.77
C LYS A 218 -17.83 9.18 -2.86
N GLY A 219 -16.88 10.03 -2.45
CA GLY A 219 -16.12 10.83 -3.39
C GLY A 219 -15.20 10.04 -4.30
N GLY A 220 -14.84 8.82 -3.90
CA GLY A 220 -14.04 7.96 -4.74
C GLY A 220 -12.62 7.73 -4.25
N ILE A 221 -12.31 8.17 -3.05
CA ILE A 221 -11.04 7.81 -2.43
C ILE A 221 -11.01 6.29 -2.27
N VAL A 222 -9.90 5.68 -2.64
CA VAL A 222 -9.77 4.23 -2.47
C VAL A 222 -8.72 3.92 -1.40
N ILE A 223 -9.16 3.24 -0.36
CA ILE A 223 -8.32 2.94 0.77
C ILE A 223 -8.03 1.47 0.76
N ASN A 224 -6.76 1.07 0.81
CA ASN A 224 -6.55 -0.31 1.18
C ASN A 224 -5.75 -0.44 2.47
N ALA A 225 -6.28 -1.23 3.39
CA ALA A 225 -5.76 -1.32 4.74
C ALA A 225 -5.32 -2.74 5.04
N GLU A 226 -4.09 -2.90 5.52
CA GLU A 226 -3.58 -4.23 5.82
C GLU A 226 -3.64 -4.46 7.31
N ILE A 227 -4.15 -5.61 7.72
CA ILE A 227 -4.20 -5.91 9.13
C ILE A 227 -3.44 -7.22 9.36
N TYR A 228 -2.28 -7.11 9.97
CA TYR A 228 -1.50 -8.30 10.25
C TYR A 228 -1.13 -8.35 11.73
N VAL A 229 -1.93 -9.05 12.53
CA VAL A 229 -1.70 -9.10 13.97
C VAL A 229 -0.71 -10.15 14.49
N ASN A 230 -0.09 -10.91 13.59
CA ASN A 230 0.98 -11.84 13.99
C ASN A 230 2.25 -11.60 13.16
N CYS A 231 2.59 -10.33 12.94
CA CYS A 231 3.70 -9.99 12.08
C CYS A 231 5.04 -10.24 12.75
N LYS A 232 5.01 -10.46 14.05
CA LYS A 232 6.20 -10.86 14.85
C LYS A 232 7.28 -9.78 15.09
N TYR A 233 7.50 -8.90 14.12
CA TYR A 233 8.59 -7.92 14.22
C TYR A 233 8.34 -6.74 15.15
N GLY A 234 7.11 -6.26 15.21
CA GLY A 234 6.74 -5.21 16.15
C GLY A 234 5.30 -4.72 16.08
N TYR A 235 5.03 -3.62 16.77
CA TYR A 235 3.74 -2.96 16.69
C TYR A 235 3.96 -1.73 15.83
N ASP A 236 3.17 -1.60 14.78
CA ASP A 236 3.53 -0.66 13.73
C ASP A 236 2.29 -0.15 12.97
N ILE A 237 2.15 1.17 12.90
CA ILE A 237 0.99 1.80 12.28
C ILE A 237 1.53 2.65 11.15
N GLN A 238 1.03 2.43 9.94
CA GLN A 238 1.54 3.14 8.78
C GLN A 238 0.38 3.70 8.05
N CYS A 239 0.50 4.93 7.60
CA CYS A 239 -0.60 5.55 6.86
C CYS A 239 -0.03 6.50 5.83
N GLU A 240 -0.33 6.24 4.56
CA GLU A 240 0.13 7.08 3.46
C GLU A 240 -1.08 7.58 2.68
N ILE A 241 -1.13 8.88 2.44
CA ILE A 241 -2.23 9.45 1.69
C ILE A 241 -1.71 10.01 0.38
N VAL A 242 -2.13 9.42 -0.74
CA VAL A 242 -1.74 9.90 -2.04
C VAL A 242 -2.77 10.88 -2.57
N GLY A 243 -2.35 12.11 -2.80
CA GLY A 243 -3.22 13.13 -3.35
C GLY A 243 -2.88 13.45 -4.79
N GLU A 244 -3.58 14.44 -5.35
CA GLU A 244 -3.47 14.73 -6.76
C GLU A 244 -2.07 15.17 -7.12
N ASP A 245 -1.45 15.96 -6.24
CA ASP A 245 -0.20 16.66 -6.55
C ASP A 245 0.93 16.30 -5.61
N GLY A 246 0.70 15.32 -4.74
CA GLY A 246 1.74 14.92 -3.81
C GLY A 246 1.26 13.94 -2.79
N ILE A 247 2.20 13.45 -1.99
CA ILE A 247 1.96 12.40 -1.01
C ILE A 247 2.41 12.78 0.41
N ILE A 248 1.56 12.51 1.41
CA ILE A 248 1.96 12.74 2.82
C ILE A 248 1.91 11.45 3.62
N LYS A 249 2.82 11.30 4.59
CA LYS A 249 2.94 10.03 5.30
C LYS A 249 3.16 10.16 6.80
N LEU A 250 2.54 9.28 7.57
CA LEU A 250 2.68 9.27 9.03
C LEU A 250 4.13 8.94 9.42
N PRO A 251 4.66 9.61 10.46
CA PRO A 251 6.00 9.37 11.01
C PRO A 251 6.11 8.06 11.79
N GLU A 252 7.33 7.54 11.91
CA GLU A 252 7.62 6.48 12.87
C GLU A 252 7.70 7.16 14.24
N PRO A 253 7.46 6.40 15.31
CA PRO A 253 7.74 6.93 16.65
C PRO A 253 9.23 7.28 16.81
N SER A 254 9.55 8.34 17.56
CA SER A 254 10.95 8.79 17.69
C SER A 254 11.86 7.72 18.24
N SER A 255 13.03 7.60 17.63
CA SER A 255 14.02 6.63 18.08
C SER A 255 15.46 7.06 17.80
N ILE A 256 16.37 6.80 18.75
CA ILE A 256 17.80 6.95 18.44
C ILE A 256 18.23 5.97 17.35
N SER A 257 19.01 6.45 16.38
CA SER A 257 19.63 5.54 15.40
C SER A 257 20.88 4.88 15.98
N LEU A 258 21.22 3.71 15.46
CA LEU A 258 22.39 2.97 15.90
C LEU A 258 23.17 2.43 14.72
N ARG A 259 24.50 2.55 14.76
CA ARG A 259 25.39 1.86 13.82
C ARG A 259 26.22 0.78 14.50
N LYS A 260 25.93 -0.48 14.21
CA LYS A 260 26.61 -1.59 14.86
C LYS A 260 26.48 -2.85 14.01
N GLU A 261 27.50 -3.72 14.08
CA GLU A 261 27.56 -4.96 13.29
C GLU A 261 26.83 -4.88 11.93
N GLY A 262 27.35 -4.06 11.03
CA GLY A 262 26.85 -4.04 9.67
C GLY A 262 25.51 -3.36 9.40
N ARG A 263 24.82 -2.91 10.43
CA ARG A 263 23.50 -2.32 10.22
C ARG A 263 23.35 -0.92 10.83
N PHE A 264 22.62 -0.07 10.11
CA PHE A 264 22.12 1.23 10.58
C PHE A 264 20.65 1.04 10.97
N SER A 265 20.31 1.14 12.25
CA SER A 265 18.94 0.84 12.66
C SER A 265 18.23 1.87 13.54
N THR A 266 16.90 1.79 13.58
CA THR A 266 16.12 2.41 14.63
C THR A 266 15.22 1.38 15.31
N ASP A 267 14.68 1.73 16.47
CA ASP A 267 13.81 0.82 17.22
C ASP A 267 12.36 0.87 16.77
N ILE A 268 11.71 -0.30 16.83
CA ILE A 268 10.28 -0.44 16.62
C ILE A 268 9.68 -0.95 17.92
N LEU A 269 8.52 -0.41 18.29
CA LEU A 269 7.86 -0.78 19.53
C LEU A 269 7.32 -2.21 19.47
N MET A 270 7.32 -2.90 20.61
CA MET A 270 6.67 -4.22 20.68
C MET A 270 5.30 -4.20 21.37
N ASP A 271 4.90 -3.05 21.92
CA ASP A 271 3.71 -2.97 22.78
C ASP A 271 2.67 -1.91 22.37
N TRP A 272 1.55 -2.37 21.82
CA TRP A 272 0.52 -1.43 21.39
C TRP A 272 0.26 -0.34 22.44
N GLN A 273 0.41 -0.66 23.71
CA GLN A 273 0.08 0.30 24.77
C GLN A 273 0.95 1.55 24.68
N ARG A 274 2.23 1.34 24.42
CA ARG A 274 3.24 2.41 24.32
C ARG A 274 3.08 3.38 23.13
N ARG A 275 2.43 2.92 22.06
CA ARG A 275 2.35 3.70 20.82
C ARG A 275 1.59 5.03 20.93
N PHE A 276 0.49 5.01 21.68
CA PHE A 276 -0.38 6.18 21.69
C PHE A 276 -0.53 6.83 23.08
N VAL A 277 0.33 6.43 24.02
CA VAL A 277 0.39 7.03 25.33
C VAL A 277 0.15 8.56 25.38
N ALA A 278 0.76 9.32 24.46
CA ALA A 278 0.59 10.78 24.50
C ALA A 278 -0.78 11.25 24.05
N ALA A 279 -1.42 10.50 23.16
CA ALA A 279 -2.74 10.85 22.66
C ALA A 279 -3.83 10.49 23.67
N TYR A 280 -3.61 9.46 24.48
CA TYR A 280 -4.52 9.19 25.57
C TYR A 280 -4.53 10.38 26.51
N ASP A 281 -3.34 10.83 26.93
CA ASP A 281 -3.23 11.97 27.84
C ASP A 281 -3.93 13.22 27.33
N VAL A 282 -3.79 13.49 26.05
CA VAL A 282 -4.22 14.75 25.47
C VAL A 282 -5.72 14.72 25.25
N GLU A 283 -6.21 13.51 24.98
CA GLU A 283 -7.60 13.21 24.77
C GLU A 283 -8.42 13.43 26.05
N ILE A 284 -7.96 12.84 27.15
CA ILE A 284 -8.62 12.98 28.44
C ILE A 284 -8.61 14.45 28.89
N GLN A 285 -7.41 15.04 28.92
CA GLN A 285 -7.27 16.46 29.26
C GLN A 285 -8.21 17.36 28.47
N ASP A 286 -8.63 16.93 27.30
CA ASP A 286 -9.50 17.72 26.44
C ASP A 286 -10.98 17.50 26.77
N PHE A 287 -11.30 16.31 27.26
CA PHE A 287 -12.59 16.03 27.86
C PHE A 287 -12.75 17.00 29.07
N ILE A 288 -11.81 16.91 30.01
CA ILE A 288 -11.75 17.80 31.16
C ILE A 288 -11.87 19.28 30.77
N ASP A 289 -10.85 19.81 30.08
CA ASP A 289 -10.83 21.22 29.67
C ASP A 289 -12.04 21.67 28.89
N SER A 290 -12.52 20.84 27.98
CA SER A 290 -13.64 21.24 27.16
C SER A 290 -14.94 21.33 27.97
N ILE A 291 -15.01 20.60 29.07
CA ILE A 291 -16.21 20.62 29.90
C ILE A 291 -16.25 21.88 30.77
N GLN A 292 -15.17 22.14 31.49
CA GLN A 292 -15.05 23.33 32.36
C GLN A 292 -14.99 24.69 31.64
N LYS A 293 -14.87 24.69 30.32
CA LYS A 293 -14.68 25.94 29.58
C LYS A 293 -15.58 25.99 28.36
N LYS A 294 -16.77 25.40 28.44
CA LYS A 294 -17.67 25.31 27.30
C LYS A 294 -19.00 24.66 27.66
N GLY A 295 -19.01 23.85 28.71
CA GLY A 295 -20.22 23.17 29.13
C GLY A 295 -20.64 22.03 28.22
N GLU A 296 -19.73 21.59 27.36
CA GLU A 296 -19.96 20.38 26.57
C GLU A 296 -18.66 19.68 26.18
N VAL A 297 -18.76 18.51 25.56
CA VAL A 297 -17.58 17.76 25.20
C VAL A 297 -17.21 18.02 23.74
N SER A 298 -15.92 17.84 23.41
CA SER A 298 -15.40 18.31 22.14
C SER A 298 -14.96 17.23 21.16
N GLY A 299 -14.59 16.06 21.66
CA GLY A 299 -13.88 15.12 20.82
C GLY A 299 -14.72 14.48 19.73
N PRO A 300 -14.40 13.22 19.39
CA PRO A 300 -15.20 12.34 18.52
C PRO A 300 -16.58 12.13 19.14
N THR A 301 -17.60 12.07 18.29
CA THR A 301 -18.98 12.18 18.74
C THR A 301 -19.69 10.85 18.74
N ALA A 302 -20.88 10.86 19.32
CA ALA A 302 -21.72 9.67 19.34
C ALA A 302 -22.00 9.26 17.91
N TRP A 303 -22.03 10.27 17.05
CA TRP A 303 -22.31 10.00 15.65
C TRP A 303 -21.15 9.24 15.00
N ASP A 304 -19.95 9.70 15.30
CA ASP A 304 -18.73 9.08 14.80
C ASP A 304 -18.68 7.64 15.27
N GLY A 305 -19.15 7.41 16.50
CA GLY A 305 -19.30 6.05 17.00
C GLY A 305 -20.24 5.25 16.13
N TYR A 306 -21.32 5.88 15.67
CA TYR A 306 -22.30 5.20 14.83
C TYR A 306 -21.67 4.83 13.49
N ILE A 307 -20.95 5.77 12.88
CA ILE A 307 -20.27 5.48 11.61
C ILE A 307 -19.28 4.31 11.73
N ALA A 308 -18.54 4.25 12.82
CA ALA A 308 -17.64 3.13 13.06
C ALA A 308 -18.40 1.82 13.17
N ALA A 309 -19.61 1.87 13.75
CA ALA A 309 -20.41 0.66 13.93
C ALA A 309 -20.95 0.10 12.62
N VAL A 310 -21.41 0.97 11.72
CA VAL A 310 -21.98 0.49 10.46
C VAL A 310 -20.93 -0.14 9.58
N THR A 311 -19.80 0.57 9.47
CA THR A 311 -18.67 0.13 8.66
C THR A 311 -18.05 -1.12 9.26
N THR A 312 -17.87 -1.13 10.57
CA THR A 312 -17.40 -2.34 11.24
C THR A 312 -18.29 -3.55 10.92
N ASP A 313 -19.60 -3.34 10.84
CA ASP A 313 -20.54 -4.41 10.50
C ASP A 313 -20.40 -4.87 9.05
N ALA A 314 -20.40 -3.92 8.12
CA ALA A 314 -20.18 -4.24 6.71
C ALA A 314 -18.88 -5.03 6.49
N CYS A 315 -17.85 -4.73 7.29
CA CYS A 315 -16.57 -5.41 7.15
C CYS A 315 -16.68 -6.86 7.58
N VAL A 316 -17.26 -7.08 8.75
CA VAL A 316 -17.51 -8.44 9.22
C VAL A 316 -18.42 -9.19 8.24
N LYS A 317 -19.24 -8.45 7.50
CA LYS A 317 -20.09 -9.05 6.48
C LYS A 317 -19.27 -9.49 5.27
N ALA A 318 -18.47 -8.58 4.72
CA ALA A 318 -17.62 -8.90 3.57
C ALA A 318 -16.54 -9.88 3.97
N GLN A 319 -16.47 -10.12 5.28
CA GLN A 319 -15.42 -10.93 5.89
C GLN A 319 -15.70 -12.41 5.69
N GLU A 320 -16.96 -12.81 5.74
CA GLU A 320 -17.31 -14.20 5.48
C GLU A 320 -18.14 -14.37 4.21
N SER A 321 -18.65 -13.26 3.67
CA SER A 321 -19.29 -13.25 2.36
C SER A 321 -18.26 -13.42 1.23
N GLY A 322 -17.13 -12.73 1.34
CA GLY A 322 -16.13 -12.76 0.29
C GLY A 322 -16.51 -11.81 -0.82
N GLN A 323 -17.68 -11.21 -0.67
CA GLN A 323 -18.21 -10.28 -1.67
C GLN A 323 -17.96 -8.82 -1.29
N LYS A 324 -18.25 -7.92 -2.23
CA LYS A 324 -18.14 -6.49 -2.03
C LYS A 324 -19.40 -5.95 -1.35
N GLU A 325 -19.40 -5.99 -0.01
CA GLU A 325 -20.51 -5.47 0.80
C GLU A 325 -20.71 -3.96 0.73
N LYS A 326 -21.87 -3.49 1.17
CA LYS A 326 -22.20 -2.08 1.09
C LYS A 326 -22.31 -1.47 2.50
N VAL A 327 -22.01 -0.17 2.62
CA VAL A 327 -22.08 0.54 3.89
C VAL A 327 -23.17 1.59 3.76
N GLU A 328 -24.29 1.36 4.48
CA GLU A 328 -25.46 2.23 4.40
C GLU A 328 -25.67 3.04 5.66
N LEU A 329 -25.57 4.35 5.52
CA LEU A 329 -25.62 5.23 6.66
C LEU A 329 -26.88 6.09 6.62
N LYS A 330 -27.49 6.32 7.78
CA LYS A 330 -28.64 7.22 7.85
C LYS A 330 -28.18 8.67 7.72
N GLU A 331 -29.12 9.57 7.50
CA GLU A 331 -28.79 10.97 7.32
C GLU A 331 -28.11 11.51 8.56
N LYS A 332 -27.09 12.35 8.36
CA LYS A 332 -26.39 12.96 9.48
C LYS A 332 -27.21 14.09 10.11
N PRO A 333 -27.81 13.84 11.28
CA PRO A 333 -28.70 14.76 11.97
C PRO A 333 -28.12 16.16 12.09
N GLU A 334 -28.96 17.18 11.95
CA GLU A 334 -28.47 18.54 11.99
C GLU A 334 -27.75 18.81 13.31
N PHE A 335 -28.19 18.11 14.35
CA PHE A 335 -27.54 18.20 15.64
C PHE A 335 -26.02 18.13 15.55
N TYR A 336 -25.50 17.36 14.58
CA TYR A 336 -24.06 17.10 14.56
C TYR A 336 -23.26 17.88 13.50
N GLN A 337 -23.61 19.16 13.30
CA GLN A 337 -22.82 20.05 12.46
C GLN A 337 -23.39 21.46 12.41
N MET B 1 38.00 -10.32 -29.82
CA MET B 1 37.13 -10.37 -31.01
C MET B 1 35.64 -10.10 -30.67
N SER B 2 35.14 -8.92 -31.03
CA SER B 2 33.86 -8.42 -30.51
C SER B 2 32.56 -8.74 -31.30
N LEU B 3 31.51 -9.05 -30.55
CA LEU B 3 30.17 -9.39 -31.08
C LEU B 3 29.59 -8.31 -31.97
N ARG B 4 29.13 -8.73 -33.14
CA ARG B 4 28.64 -7.80 -34.15
C ARG B 4 27.11 -7.69 -34.12
N ILE B 5 26.65 -6.51 -33.73
CA ILE B 5 25.23 -6.29 -33.42
C ILE B 5 24.55 -5.39 -34.44
N GLY B 6 23.37 -5.82 -34.88
CA GLY B 6 22.56 -5.02 -35.77
C GLY B 6 21.32 -4.55 -35.06
N VAL B 7 21.01 -3.26 -35.21
CA VAL B 7 19.85 -2.68 -34.53
C VAL B 7 18.65 -2.47 -35.43
N ILE B 8 17.52 -3.03 -35.01
CA ILE B 8 16.28 -2.87 -35.76
C ILE B 8 15.39 -1.83 -35.08
N GLY B 9 15.34 -0.64 -35.65
CA GLY B 9 14.54 0.42 -35.07
C GLY B 9 15.42 1.43 -34.35
N THR B 10 15.77 2.50 -35.05
CA THR B 10 16.67 3.50 -34.52
C THR B 10 15.91 4.68 -33.93
N GLY B 11 14.93 4.38 -33.08
CA GLY B 11 14.17 5.40 -32.39
C GLY B 11 14.90 5.96 -31.18
N ALA B 12 14.16 6.53 -30.25
CA ALA B 12 14.81 7.13 -29.08
C ALA B 12 15.52 6.07 -28.23
N ILE B 13 14.90 4.91 -28.02
CA ILE B 13 15.46 3.92 -27.09
C ILE B 13 16.50 3.04 -27.77
N GLY B 14 16.32 2.80 -29.06
CA GLY B 14 17.32 2.07 -29.81
C GLY B 14 18.55 2.94 -30.00
N LYS B 15 18.36 4.26 -29.97
CA LYS B 15 19.51 5.18 -29.97
C LYS B 15 20.26 5.14 -28.64
N GLU B 16 19.55 4.89 -27.55
CA GLU B 16 20.19 4.81 -26.25
C GLU B 16 21.04 3.57 -26.16
N HIS B 17 20.52 2.47 -26.67
CA HIS B 17 21.24 1.20 -26.69
C HIS B 17 22.47 1.23 -27.62
N ILE B 18 22.38 1.99 -28.71
CA ILE B 18 23.49 2.11 -29.64
C ILE B 18 24.62 2.88 -28.99
N ASN B 19 24.22 3.84 -28.16
CA ASN B 19 25.20 4.66 -27.46
C ASN B 19 25.87 3.91 -26.33
N ARG B 20 25.11 3.12 -25.57
CA ARG B 20 25.77 2.39 -24.50
C ARG B 20 26.75 1.35 -25.07
N ILE B 21 26.28 0.51 -26.00
CA ILE B 21 27.16 -0.43 -26.70
C ILE B 21 28.41 0.21 -27.34
N THR B 22 28.26 1.43 -27.86
CA THR B 22 29.38 2.09 -28.53
C THR B 22 30.39 2.75 -27.58
N ASN B 23 29.91 3.31 -26.47
CA ASN B 23 30.71 4.25 -25.69
C ASN B 23 30.80 3.95 -24.21
N LYS B 24 30.14 2.87 -23.77
CA LYS B 24 30.08 2.56 -22.35
C LYS B 24 30.33 1.10 -22.03
N LEU B 25 29.82 0.19 -22.84
CA LEU B 25 29.98 -1.24 -22.58
C LEU B 25 31.25 -1.83 -23.21
N SER B 26 31.40 -3.15 -23.13
CA SER B 26 32.63 -3.81 -23.57
C SER B 26 32.37 -5.04 -24.40
N GLY B 27 33.06 -5.11 -25.55
CA GLY B 27 33.06 -6.30 -26.39
C GLY B 27 31.93 -6.45 -27.39
N ALA B 28 31.50 -5.36 -28.03
CA ALA B 28 30.46 -5.42 -29.06
C ALA B 28 30.45 -4.16 -29.90
N GLU B 29 29.95 -4.29 -31.13
CA GLU B 29 29.82 -3.13 -31.99
C GLU B 29 28.56 -3.21 -32.84
N ILE B 30 28.09 -2.05 -33.28
CA ILE B 30 26.92 -1.94 -34.16
C ILE B 30 27.41 -1.90 -35.61
N VAL B 31 27.08 -2.94 -36.39
CA VAL B 31 27.58 -3.07 -37.76
C VAL B 31 26.46 -2.90 -38.78
N ALA B 32 25.25 -2.60 -38.31
CA ALA B 32 24.07 -2.62 -39.15
C ALA B 32 22.85 -2.06 -38.43
N VAL B 33 22.09 -1.24 -39.14
CA VAL B 33 20.85 -0.70 -38.60
C VAL B 33 19.80 -0.68 -39.70
N THR B 34 18.54 -0.73 -39.30
CA THR B 34 17.46 -0.48 -40.25
C THR B 34 16.32 0.17 -39.51
N ASP B 35 15.85 1.27 -40.07
CA ASP B 35 14.65 1.88 -39.56
C ASP B 35 13.60 1.92 -40.66
N VAL B 36 12.38 2.29 -40.28
CA VAL B 36 11.26 2.44 -41.19
C VAL B 36 11.35 3.81 -41.86
N ASN B 37 11.93 4.75 -41.13
CA ASN B 37 12.34 6.03 -41.69
C ASN B 37 13.82 5.92 -42.05
N GLN B 38 14.11 5.22 -43.15
CA GLN B 38 15.48 4.96 -43.58
C GLN B 38 16.41 6.18 -43.59
N GLU B 39 15.83 7.38 -43.70
CA GLU B 39 16.62 8.59 -43.60
C GLU B 39 17.14 8.83 -42.17
N ALA B 40 16.30 8.55 -41.16
CA ALA B 40 16.70 8.64 -39.74
C ALA B 40 17.83 7.65 -39.36
N ALA B 41 17.70 6.42 -39.83
CA ALA B 41 18.71 5.39 -39.64
C ALA B 41 20.00 5.69 -40.43
N GLN B 42 19.99 6.76 -41.20
CA GLN B 42 21.18 7.12 -41.96
C GLN B 42 21.80 8.36 -41.36
N LYS B 43 21.05 9.00 -40.45
CA LYS B 43 21.55 10.14 -39.70
C LYS B 43 22.07 9.68 -38.34
N VAL B 44 21.61 8.51 -37.91
CA VAL B 44 22.14 7.90 -36.70
C VAL B 44 23.52 7.23 -36.93
N VAL B 45 23.74 6.63 -38.10
CA VAL B 45 25.05 6.06 -38.41
C VAL B 45 26.13 7.14 -38.44
N GLU B 46 25.76 8.33 -38.89
CA GLU B 46 26.68 9.46 -38.94
C GLU B 46 26.91 10.04 -37.55
N GLN B 47 25.81 10.14 -36.79
CA GLN B 47 25.79 10.76 -35.47
C GLN B 47 26.80 10.13 -34.52
N TYR B 48 26.81 8.80 -34.47
CA TYR B 48 27.68 8.05 -33.58
C TYR B 48 28.87 7.47 -34.34
N GLN B 49 29.30 8.16 -35.40
CA GLN B 49 30.38 7.69 -36.27
C GLN B 49 30.47 6.15 -36.40
N LEU B 50 29.32 5.50 -36.56
CA LEU B 50 29.28 4.05 -36.68
C LEU B 50 29.97 3.62 -37.95
N ASN B 51 30.47 2.40 -37.97
CA ASN B 51 30.96 1.78 -39.19
C ASN B 51 29.96 0.69 -39.58
N ALA B 52 28.78 1.12 -40.01
CA ALA B 52 27.65 0.21 -40.19
C ALA B 52 26.90 0.32 -41.53
N THR B 53 26.35 -0.80 -41.99
CA THR B 53 25.50 -0.89 -43.17
C THR B 53 24.05 -0.46 -42.85
N VAL B 54 23.40 0.23 -43.78
CA VAL B 54 22.01 0.66 -43.59
C VAL B 54 21.01 -0.08 -44.48
N TYR B 55 20.29 -1.04 -43.92
CA TYR B 55 19.31 -1.83 -44.67
C TYR B 55 17.93 -1.16 -44.72
N PRO B 56 17.17 -1.48 -45.77
CA PRO B 56 15.85 -0.88 -45.97
C PRO B 56 14.83 -1.54 -45.06
N ASN B 57 15.08 -2.81 -44.71
CA ASN B 57 14.16 -3.60 -43.89
C ASN B 57 14.90 -4.68 -43.08
N ASP B 58 14.19 -5.29 -42.12
CA ASP B 58 14.79 -6.36 -41.31
C ASP B 58 15.41 -7.52 -42.12
N ASP B 59 14.61 -8.18 -42.97
CA ASP B 59 15.05 -9.31 -43.81
C ASP B 59 16.45 -9.14 -44.41
N SER B 60 16.71 -7.95 -44.97
CA SER B 60 18.01 -7.66 -45.57
C SER B 60 19.08 -7.76 -44.52
N LEU B 61 18.84 -7.10 -43.38
CA LEU B 61 19.78 -7.06 -42.26
C LEU B 61 20.03 -8.46 -41.65
N LEU B 62 18.97 -9.25 -41.51
CA LEU B 62 19.09 -10.59 -40.94
C LEU B 62 19.83 -11.56 -41.90
N ALA B 63 19.86 -11.20 -43.18
CA ALA B 63 20.62 -11.96 -44.17
C ALA B 63 22.11 -11.72 -44.00
N ASP B 64 22.49 -10.45 -43.79
CA ASP B 64 23.89 -10.09 -43.58
C ASP B 64 24.57 -11.05 -42.60
N GLU B 65 25.70 -11.63 -43.02
CA GLU B 65 26.38 -12.65 -42.23
C GLU B 65 27.38 -12.08 -41.22
N ASN B 66 27.61 -10.77 -41.30
CA ASN B 66 28.33 -10.07 -40.23
C ASN B 66 27.63 -10.26 -38.89
N VAL B 67 26.37 -9.82 -38.85
CA VAL B 67 25.60 -9.70 -37.61
C VAL B 67 25.32 -11.04 -36.88
N ASP B 68 25.89 -11.16 -35.69
CA ASP B 68 25.67 -12.31 -34.83
C ASP B 68 24.39 -12.10 -34.04
N ALA B 69 24.10 -10.84 -33.73
CA ALA B 69 22.96 -10.52 -32.84
C ALA B 69 22.25 -9.22 -33.19
N VAL B 70 20.95 -9.18 -32.91
CA VAL B 70 20.16 -7.98 -33.18
C VAL B 70 19.43 -7.40 -31.96
N LEU B 71 19.37 -6.08 -31.90
CA LEU B 71 18.48 -5.41 -30.95
C LEU B 71 17.15 -5.13 -31.63
N VAL B 72 16.05 -5.67 -31.11
CA VAL B 72 14.75 -5.25 -31.61
C VAL B 72 14.25 -4.08 -30.75
N THR B 73 14.29 -2.87 -31.31
CA THR B 73 13.98 -1.66 -30.56
C THR B 73 13.20 -0.69 -31.42
N SER B 74 12.28 -1.24 -32.20
CA SER B 74 11.43 -0.47 -33.10
C SER B 74 10.05 -0.38 -32.48
N TRP B 75 9.13 0.28 -33.19
CA TRP B 75 7.71 0.31 -32.78
C TRP B 75 7.30 -0.96 -32.06
N GLY B 76 6.31 -0.85 -31.20
CA GLY B 76 5.88 -1.98 -30.38
C GLY B 76 5.31 -3.21 -31.06
N PRO B 77 4.32 -3.03 -31.95
CA PRO B 77 3.69 -4.20 -32.61
C PRO B 77 4.56 -4.82 -33.71
N ALA B 78 5.62 -4.10 -34.09
CA ALA B 78 6.55 -4.56 -35.12
C ALA B 78 7.66 -5.43 -34.50
N HIS B 79 7.42 -5.89 -33.28
CA HIS B 79 8.43 -6.66 -32.58
C HIS B 79 8.30 -8.12 -32.97
N GLU B 80 7.13 -8.69 -32.69
CA GLU B 80 6.87 -10.10 -32.97
C GLU B 80 7.41 -10.53 -34.33
N SER B 81 7.10 -9.73 -35.34
CA SER B 81 7.57 -10.02 -36.69
C SER B 81 9.11 -10.18 -36.72
N SER B 82 9.83 -9.20 -36.19
CA SER B 82 11.30 -9.19 -36.31
C SER B 82 11.98 -10.25 -35.44
N VAL B 83 11.30 -10.65 -34.36
CA VAL B 83 11.87 -11.68 -33.48
C VAL B 83 11.80 -13.08 -34.11
N LEU B 84 10.64 -13.43 -34.67
CA LEU B 84 10.46 -14.69 -35.39
C LEU B 84 11.48 -14.84 -36.52
N LYS B 85 11.64 -13.79 -37.34
CA LYS B 85 12.64 -13.80 -38.39
C LYS B 85 14.05 -14.07 -37.83
N ALA B 86 14.45 -13.32 -36.80
CA ALA B 86 15.78 -13.47 -36.22
C ALA B 86 16.01 -14.86 -35.60
N ILE B 87 14.95 -15.47 -35.07
CA ILE B 87 15.07 -16.83 -34.53
C ILE B 87 15.32 -17.85 -35.63
N LYS B 88 14.56 -17.70 -36.72
CA LYS B 88 14.73 -18.57 -37.88
C LYS B 88 16.08 -18.32 -38.57
N ALA B 89 16.47 -17.05 -38.71
CA ALA B 89 17.80 -16.73 -39.23
C ALA B 89 18.90 -17.13 -38.22
N GLN B 90 18.45 -17.64 -37.07
CA GLN B 90 19.34 -18.11 -36.01
C GLN B 90 20.40 -17.13 -35.51
N LYS B 91 19.99 -15.87 -35.30
CA LYS B 91 20.80 -14.87 -34.62
C LYS B 91 20.34 -14.71 -33.17
N TYR B 92 21.24 -14.22 -32.32
CA TYR B 92 20.86 -13.85 -30.96
C TYR B 92 20.00 -12.56 -30.98
N VAL B 93 18.88 -12.59 -30.28
CA VAL B 93 18.03 -11.42 -30.25
C VAL B 93 17.81 -10.85 -28.84
N PHE B 94 18.16 -9.59 -28.66
CA PHE B 94 17.72 -8.86 -27.47
C PHE B 94 16.54 -7.99 -27.88
N CYS B 95 15.37 -8.35 -27.36
CA CYS B 95 14.14 -7.67 -27.73
C CYS B 95 13.55 -6.84 -26.57
N GLU B 96 13.48 -5.53 -26.78
CA GLU B 96 12.83 -4.62 -25.83
C GLU B 96 11.36 -4.92 -25.60
N VAL B 97 10.89 -4.68 -24.38
CA VAL B 97 9.46 -4.78 -24.03
C VAL B 97 8.58 -3.94 -24.98
N PRO B 98 7.46 -4.54 -25.48
CA PRO B 98 7.01 -5.91 -25.20
C PRO B 98 7.63 -6.92 -26.17
N LEU B 99 7.56 -8.20 -25.80
CA LEU B 99 8.03 -9.26 -26.70
C LEU B 99 7.11 -9.27 -27.93
N ALA B 100 5.80 -9.29 -27.66
CA ALA B 100 4.78 -9.09 -28.68
C ALA B 100 3.52 -8.51 -28.03
N THR B 101 2.67 -7.87 -28.82
CA THR B 101 1.52 -7.15 -28.26
C THR B 101 0.31 -8.05 -27.90
N THR B 102 0.31 -9.30 -28.39
CA THR B 102 -0.72 -10.29 -28.06
C THR B 102 -0.14 -11.53 -27.37
N ALA B 103 -0.94 -12.19 -26.55
CA ALA B 103 -0.45 -13.38 -25.82
C ALA B 103 -0.07 -14.55 -26.74
N GLU B 104 -0.85 -14.78 -27.81
CA GLU B 104 -0.47 -15.80 -28.81
C GLU B 104 0.80 -15.43 -29.56
N GLY B 105 1.00 -14.13 -29.79
CA GLY B 105 2.20 -13.65 -30.45
C GLY B 105 3.45 -14.11 -29.72
N CYS B 106 3.35 -14.15 -28.38
CA CYS B 106 4.47 -14.59 -27.55
C CYS B 106 4.60 -16.10 -27.61
N MET B 107 3.46 -16.78 -27.73
CA MET B 107 3.44 -18.22 -27.85
C MET B 107 4.12 -18.67 -29.14
N ARG B 108 3.85 -17.99 -30.25
CA ARG B 108 4.49 -18.32 -31.53
C ARG B 108 6.01 -18.25 -31.40
N ILE B 109 6.48 -17.28 -30.63
CA ILE B 109 7.90 -17.03 -30.47
C ILE B 109 8.59 -18.06 -29.59
N VAL B 110 7.88 -18.53 -28.57
CA VAL B 110 8.37 -19.60 -27.71
C VAL B 110 8.58 -20.88 -28.51
N GLU B 111 7.57 -21.25 -29.29
CA GLU B 111 7.61 -22.45 -30.13
C GLU B 111 8.82 -22.45 -31.09
N GLU B 112 9.12 -21.29 -31.68
CA GLU B 112 10.29 -21.18 -32.55
C GLU B 112 11.59 -21.37 -31.78
N GLU B 113 11.74 -20.71 -30.64
CA GLU B 113 12.95 -20.84 -29.84
C GLU B 113 13.10 -22.27 -29.33
N ILE B 114 11.97 -22.87 -28.95
CA ILE B 114 11.96 -24.25 -28.49
C ILE B 114 12.60 -25.20 -29.50
N LYS B 115 12.29 -24.99 -30.78
CA LYS B 115 12.86 -25.80 -31.86
C LYS B 115 14.35 -25.57 -31.97
N VAL B 116 14.73 -24.33 -32.23
CA VAL B 116 16.13 -23.99 -32.47
C VAL B 116 17.08 -24.32 -31.30
N GLY B 117 16.74 -25.33 -30.51
CA GLY B 117 17.69 -25.99 -29.64
C GLY B 117 18.17 -25.29 -28.39
N LYS B 118 18.59 -24.02 -28.52
CA LYS B 118 19.06 -23.26 -27.35
C LYS B 118 18.36 -21.90 -27.18
N ARG B 119 18.77 -21.16 -26.16
CA ARG B 119 18.20 -19.84 -25.88
C ARG B 119 18.83 -18.76 -26.72
N LEU B 120 18.02 -18.16 -27.57
CA LEU B 120 18.43 -17.06 -28.45
C LEU B 120 17.84 -15.74 -27.99
N VAL B 121 16.69 -15.82 -27.32
CA VAL B 121 15.86 -14.66 -26.95
C VAL B 121 15.99 -14.21 -25.48
N GLN B 122 16.54 -13.00 -25.29
CA GLN B 122 16.47 -12.27 -24.03
C GLN B 122 15.45 -11.12 -24.16
N VAL B 123 14.54 -11.03 -23.20
CA VAL B 123 13.60 -9.89 -23.17
C VAL B 123 14.12 -8.76 -22.27
N GLY B 124 13.97 -7.52 -22.74
CA GLY B 124 14.54 -6.36 -22.06
C GLY B 124 13.84 -5.83 -20.80
N PHE B 125 13.50 -6.73 -19.87
CA PHE B 125 12.98 -6.37 -18.56
C PHE B 125 14.09 -6.00 -17.58
N MET B 126 14.55 -4.75 -17.65
CA MET B 126 15.80 -4.33 -17.00
C MET B 126 15.78 -4.32 -15.48
N ARG B 127 14.60 -4.17 -14.89
CA ARG B 127 14.51 -4.19 -13.44
C ARG B 127 15.30 -5.33 -12.74
N ARG B 128 15.35 -6.51 -13.35
CA ARG B 128 16.05 -7.65 -12.73
C ARG B 128 17.54 -7.38 -12.54
N TYR B 129 18.04 -6.33 -13.20
CA TYR B 129 19.46 -5.99 -13.10
C TYR B 129 19.75 -4.76 -12.23
N ASP B 130 18.69 -4.09 -11.76
CA ASP B 130 18.83 -2.96 -10.84
C ASP B 130 19.20 -3.46 -9.41
N SER B 131 20.17 -2.77 -8.81
CA SER B 131 20.80 -3.26 -7.57
C SER B 131 19.82 -3.32 -6.40
N GLY B 132 18.86 -2.40 -6.40
CA GLY B 132 17.73 -2.49 -5.49
C GLY B 132 17.07 -3.85 -5.58
N TYR B 133 16.48 -4.12 -6.76
CA TYR B 133 15.70 -5.34 -6.96
C TYR B 133 16.56 -6.59 -6.78
N VAL B 134 17.84 -6.50 -7.15
CA VAL B 134 18.78 -7.60 -6.91
C VAL B 134 18.93 -7.92 -5.43
N GLN B 135 19.00 -6.88 -4.60
CA GLN B 135 19.08 -7.07 -3.14
C GLN B 135 17.80 -7.68 -2.54
N LEU B 136 16.64 -7.24 -3.03
CA LEU B 136 15.39 -7.81 -2.57
C LEU B 136 15.43 -9.30 -2.86
N LYS B 137 15.82 -9.63 -4.10
CA LYS B 137 15.90 -11.02 -4.53
C LYS B 137 16.77 -11.84 -3.59
N GLU B 138 17.97 -11.31 -3.30
CA GLU B 138 18.91 -11.95 -2.38
C GLU B 138 18.35 -12.19 -0.98
N ALA B 139 17.64 -11.21 -0.43
CA ALA B 139 17.02 -11.39 0.89
C ALA B 139 15.90 -12.42 0.85
N LEU B 140 15.12 -12.43 -0.23
CA LEU B 140 14.06 -13.44 -0.34
C LEU B 140 14.62 -14.85 -0.49
N ASP B 141 15.66 -14.98 -1.33
CA ASP B 141 16.34 -16.26 -1.54
C ASP B 141 16.93 -16.78 -0.22
N ASN B 142 17.26 -15.86 0.68
CA ASN B 142 17.86 -16.23 1.96
C ASN B 142 16.84 -16.45 3.07
N HIS B 143 15.56 -16.27 2.75
CA HIS B 143 14.50 -16.51 3.73
C HIS B 143 14.60 -15.54 4.90
N VAL B 144 15.11 -14.36 4.62
CA VAL B 144 15.31 -13.32 5.63
C VAL B 144 13.99 -13.00 6.33
N ILE B 145 12.90 -12.96 5.57
CA ILE B 145 11.62 -12.60 6.14
C ILE B 145 10.60 -13.72 6.07
N GLY B 146 11.07 -14.96 5.92
CA GLY B 146 10.16 -16.09 5.73
C GLY B 146 9.32 -16.00 4.45
N GLU B 147 8.09 -16.49 4.52
CA GLU B 147 7.22 -16.59 3.34
C GLU B 147 6.54 -15.27 2.95
N PRO B 148 6.85 -14.74 1.76
CA PRO B 148 6.09 -13.58 1.26
C PRO B 148 4.57 -13.79 1.37
N LEU B 149 3.84 -12.78 1.82
CA LEU B 149 2.38 -12.86 1.97
C LEU B 149 1.69 -11.75 1.20
N MET B 150 2.27 -10.55 1.21
CA MET B 150 1.68 -9.45 0.45
C MET B 150 2.77 -8.59 -0.13
N ILE B 151 2.42 -7.87 -1.19
CA ILE B 151 3.31 -6.90 -1.79
C ILE B 151 2.51 -5.63 -2.03
N HIS B 152 3.07 -4.49 -1.64
CA HIS B 152 2.46 -3.20 -2.00
C HIS B 152 3.45 -2.52 -2.91
N CYS B 153 2.99 -1.93 -3.99
CA CYS B 153 3.93 -1.23 -4.85
C CYS B 153 3.26 -0.17 -5.68
N ALA B 154 4.07 0.71 -6.27
CA ALA B 154 3.54 1.89 -6.90
C ALA B 154 4.46 2.32 -8.02
N HIS B 155 3.87 2.82 -9.09
CA HIS B 155 4.60 3.28 -10.23
C HIS B 155 4.00 4.62 -10.58
N ARG B 156 4.71 5.70 -10.28
CA ARG B 156 4.18 7.04 -10.49
C ARG B 156 5.06 7.82 -11.45
N ASN B 157 4.46 8.78 -12.15
CA ASN B 157 5.14 9.53 -13.20
C ASN B 157 4.52 10.92 -13.20
N PRO B 158 5.33 11.98 -13.40
CA PRO B 158 4.80 13.34 -13.25
C PRO B 158 3.57 13.66 -14.13
N THR B 159 3.73 13.55 -15.43
CA THR B 159 2.63 13.81 -16.35
C THR B 159 2.83 13.01 -17.62
N VAL B 160 1.77 12.85 -18.40
CA VAL B 160 1.87 12.13 -19.68
C VAL B 160 1.34 12.98 -20.80
N GLY B 161 1.55 12.54 -22.04
CA GLY B 161 1.15 13.31 -23.20
C GLY B 161 -0.30 13.12 -23.59
N ASP B 162 -0.69 13.66 -24.75
CA ASP B 162 -2.05 13.47 -25.27
C ASP B 162 -2.21 12.04 -25.76
N ASN B 163 -1.09 11.35 -25.92
CA ASN B 163 -1.04 10.01 -26.51
C ASN B 163 -1.24 8.86 -25.53
N TYR B 164 -1.30 9.17 -24.24
CA TYR B 164 -1.31 8.13 -23.22
C TYR B 164 -2.73 7.68 -22.84
N THR B 165 -3.03 6.41 -23.12
CA THR B 165 -4.39 5.90 -23.04
C THR B 165 -4.57 4.90 -21.91
N THR B 166 -5.80 4.78 -21.42
CA THR B 166 -6.11 3.99 -20.23
C THR B 166 -5.46 2.60 -20.19
N ASP B 167 -5.32 1.96 -21.34
CA ASP B 167 -4.79 0.61 -21.37
C ASP B 167 -3.26 0.62 -21.26
N MET B 168 -2.65 1.69 -21.76
CA MET B 168 -1.21 1.81 -21.72
C MET B 168 -0.69 1.73 -20.29
N ALA B 169 -1.49 2.17 -19.32
CA ALA B 169 -1.16 2.07 -17.89
C ALA B 169 -0.83 0.64 -17.41
N VAL B 170 -1.44 -0.38 -18.02
CA VAL B 170 -1.18 -1.76 -17.64
C VAL B 170 -0.42 -2.53 -18.70
N VAL B 171 -0.13 -1.86 -19.82
CA VAL B 171 0.48 -2.53 -20.96
C VAL B 171 1.93 -2.08 -21.17
N ASP B 172 2.15 -0.78 -21.04
CA ASP B 172 3.45 -0.16 -21.20
C ASP B 172 4.12 0.15 -19.86
N THR B 173 3.30 0.35 -18.83
CA THR B 173 3.76 0.86 -17.54
C THR B 173 3.84 -0.23 -16.46
N LEU B 174 2.69 -0.75 -16.04
CA LEU B 174 2.67 -1.77 -15.00
C LEU B 174 3.34 -3.06 -15.45
N VAL B 175 3.82 -3.07 -16.69
CA VAL B 175 4.37 -4.27 -17.29
C VAL B 175 5.67 -4.75 -16.61
N HIS B 176 6.55 -3.81 -16.24
CA HIS B 176 7.77 -4.15 -15.52
C HIS B 176 7.50 -4.69 -14.12
N GLU B 177 6.54 -4.07 -13.42
CA GLU B 177 6.11 -4.60 -12.12
C GLU B 177 5.70 -6.05 -12.27
N ILE B 178 4.87 -6.30 -13.28
CA ILE B 178 4.35 -7.63 -13.56
C ILE B 178 5.46 -8.64 -13.79
N ASP B 179 6.49 -8.23 -14.57
CA ASP B 179 7.61 -9.14 -14.80
C ASP B 179 8.43 -9.39 -13.52
N VAL B 180 8.91 -8.28 -12.94
CA VAL B 180 9.81 -8.34 -11.80
C VAL B 180 9.19 -9.04 -10.58
N LEU B 181 7.90 -8.78 -10.34
CA LEU B 181 7.31 -9.28 -9.10
C LEU B 181 7.32 -10.81 -9.04
N HIS B 182 6.93 -11.47 -10.12
CA HIS B 182 6.81 -12.93 -10.07
C HIS B 182 8.20 -13.57 -10.15
N TRP B 183 9.15 -12.87 -10.77
CA TRP B 183 10.54 -13.28 -10.69
C TRP B 183 11.08 -13.33 -9.26
N LEU B 184 10.71 -12.34 -8.44
CA LEU B 184 11.19 -12.26 -7.05
C LEU B 184 10.61 -13.37 -6.17
N VAL B 185 9.29 -13.50 -6.23
CA VAL B 185 8.56 -14.42 -5.34
C VAL B 185 8.48 -15.84 -5.88
N ASN B 186 8.90 -16.03 -7.13
CA ASN B 186 8.89 -17.34 -7.76
C ASN B 186 7.50 -18.00 -7.68
N ASP B 187 6.51 -17.30 -8.24
CA ASP B 187 5.13 -17.77 -8.25
C ASP B 187 4.43 -17.23 -9.48
N ASP B 188 3.24 -17.77 -9.74
CA ASP B 188 2.49 -17.40 -10.93
C ASP B 188 1.20 -16.69 -10.56
N TYR B 189 0.84 -15.71 -11.37
CA TYR B 189 -0.39 -14.99 -11.16
C TYR B 189 -1.64 -15.88 -11.37
N GLU B 190 -2.69 -15.59 -10.62
CA GLU B 190 -3.95 -16.33 -10.68
C GLU B 190 -5.12 -15.44 -11.09
N SER B 191 -5.46 -14.44 -10.27
CA SER B 191 -6.48 -13.46 -10.65
C SER B 191 -5.91 -12.02 -10.73
N VAL B 192 -6.56 -11.17 -11.53
CA VAL B 192 -6.32 -9.73 -11.47
C VAL B 192 -7.64 -8.96 -11.35
N GLN B 193 -7.60 -7.82 -10.66
CA GLN B 193 -8.77 -6.97 -10.49
C GLN B 193 -8.33 -5.52 -10.63
N VAL B 194 -9.17 -4.68 -11.20
CA VAL B 194 -8.81 -3.27 -11.35
C VAL B 194 -9.84 -2.36 -10.69
N ILE B 195 -9.35 -1.41 -9.90
CA ILE B 195 -10.20 -0.50 -9.16
C ILE B 195 -9.82 0.95 -9.45
N TYR B 196 -10.79 1.75 -9.87
CA TYR B 196 -10.52 3.15 -10.22
C TYR B 196 -10.85 4.13 -9.09
N PRO B 197 -9.83 4.82 -8.58
CA PRO B 197 -10.15 5.84 -7.58
C PRO B 197 -10.63 7.10 -8.27
N LYS B 198 -11.22 7.99 -7.48
CA LYS B 198 -11.54 9.35 -7.91
C LYS B 198 -10.48 9.76 -8.93
N LYS B 199 -10.91 10.25 -10.08
CA LYS B 199 -9.98 10.62 -11.16
C LYS B 199 -9.27 11.97 -10.94
N SER B 200 -7.97 12.00 -11.28
CA SER B 200 -7.12 13.15 -11.00
C SER B 200 -7.35 14.37 -11.89
N LYS B 201 -7.09 15.56 -11.34
CA LYS B 201 -7.26 16.79 -12.09
C LYS B 201 -6.12 16.96 -13.06
N ASN B 202 -5.09 16.13 -12.91
CA ASN B 202 -3.91 16.21 -13.78
C ASN B 202 -4.04 15.29 -14.99
N ALA B 203 -5.02 14.39 -14.95
CA ALA B 203 -5.28 13.48 -16.07
C ALA B 203 -6.15 14.15 -17.12
N LEU B 204 -5.82 13.92 -18.38
CA LEU B 204 -6.70 14.32 -19.49
C LEU B 204 -8.04 13.57 -19.41
N PRO B 205 -9.05 14.04 -20.16
CA PRO B 205 -10.41 13.46 -20.11
C PRO B 205 -10.52 12.00 -20.60
N HIS B 206 -9.73 11.63 -21.60
CA HIS B 206 -9.81 10.26 -22.13
C HIS B 206 -9.09 9.22 -21.26
N LEU B 207 -8.24 9.70 -20.35
CA LEU B 207 -7.44 8.83 -19.50
C LEU B 207 -8.04 8.62 -18.10
N LYS B 208 -7.96 7.38 -17.62
CA LYS B 208 -8.38 7.04 -16.26
C LYS B 208 -7.16 6.87 -15.36
N ASP B 209 -6.99 7.82 -14.44
CA ASP B 209 -5.77 7.98 -13.65
C ASP B 209 -6.12 8.50 -12.25
N PRO B 210 -5.76 7.76 -11.19
CA PRO B 210 -4.93 6.55 -11.05
C PRO B 210 -5.74 5.30 -11.24
N GLN B 211 -5.07 4.18 -11.01
CA GLN B 211 -5.75 2.90 -10.94
C GLN B 211 -5.05 2.08 -9.89
N ILE B 212 -5.79 1.22 -9.23
CA ILE B 212 -5.19 0.25 -8.34
C ILE B 212 -5.38 -1.10 -9.00
N VAL B 213 -4.40 -1.98 -8.91
CA VAL B 213 -4.55 -3.30 -9.50
C VAL B 213 -4.20 -4.36 -8.49
N VAL B 214 -5.19 -5.10 -8.02
CA VAL B 214 -4.93 -6.20 -7.13
C VAL B 214 -4.63 -7.45 -7.97
N ILE B 215 -3.76 -8.31 -7.46
CA ILE B 215 -3.32 -9.49 -8.20
C ILE B 215 -3.01 -10.58 -7.18
N GLU B 216 -3.55 -11.77 -7.37
CA GLU B 216 -3.21 -12.87 -6.47
C GLU B 216 -2.40 -13.91 -7.21
N THR B 217 -1.38 -14.45 -6.55
CA THR B 217 -0.62 -15.55 -7.12
C THR B 217 -1.31 -16.87 -6.77
N LYS B 218 -0.75 -17.99 -7.23
CA LYS B 218 -1.32 -19.30 -6.91
C LYS B 218 -1.13 -19.66 -5.44
N GLY B 219 0.06 -19.32 -4.92
CA GLY B 219 0.38 -19.57 -3.53
C GLY B 219 -0.40 -18.70 -2.55
N GLY B 220 -0.93 -17.59 -3.05
CA GLY B 220 -1.79 -16.74 -2.22
C GLY B 220 -1.17 -15.42 -1.80
N ILE B 221 -0.05 -15.08 -2.41
CA ILE B 221 0.51 -13.74 -2.22
C ILE B 221 -0.48 -12.72 -2.79
N VAL B 222 -0.76 -11.66 -2.04
CA VAL B 222 -1.68 -10.65 -2.52
C VAL B 222 -0.92 -9.36 -2.78
N ILE B 223 -0.97 -8.93 -4.04
CA ILE B 223 -0.24 -7.78 -4.50
C ILE B 223 -1.21 -6.67 -4.76
N ASN B 224 -0.99 -5.48 -4.21
CA ASN B 224 -1.72 -4.38 -4.79
C ASN B 224 -0.81 -3.31 -5.30
N ALA B 225 -1.04 -2.95 -6.55
CA ALA B 225 -0.15 -2.07 -7.29
C ALA B 225 -0.86 -0.77 -7.68
N GLU B 226 -0.25 0.36 -7.41
CA GLU B 226 -0.87 1.62 -7.73
C GLU B 226 -0.18 2.17 -8.96
N ILE B 227 -0.96 2.65 -9.92
CA ILE B 227 -0.37 3.25 -11.09
C ILE B 227 -0.93 4.66 -11.26
N TYR B 228 -0.10 5.65 -11.00
CA TYR B 228 -0.54 7.03 -11.09
C TYR B 228 0.42 7.81 -11.98
N VAL B 229 0.10 7.94 -13.27
CA VAL B 229 1.02 8.57 -14.21
C VAL B 229 0.87 10.10 -14.36
N ASN B 230 -0.01 10.72 -13.58
CA ASN B 230 -0.07 12.18 -13.53
C ASN B 230 0.10 12.73 -12.10
N CYS B 231 1.03 12.13 -11.34
CA CYS B 231 1.17 12.43 -9.93
C CYS B 231 1.85 13.77 -9.71
N LYS B 232 2.43 14.31 -10.77
CA LYS B 232 3.01 15.67 -10.79
C LYS B 232 4.31 15.87 -9.99
N TYR B 233 4.48 15.17 -8.87
CA TYR B 233 5.62 15.42 -8.00
C TYR B 233 6.94 14.81 -8.48
N GLY B 234 6.89 13.64 -9.14
CA GLY B 234 8.08 13.07 -9.70
C GLY B 234 7.90 11.70 -10.31
N TYR B 235 9.00 11.06 -10.68
CA TYR B 235 8.98 9.68 -11.14
C TYR B 235 9.46 8.82 -9.99
N ASP B 236 8.66 7.84 -9.61
CA ASP B 236 8.87 7.18 -8.33
C ASP B 236 8.38 5.74 -8.32
N ILE B 237 9.26 4.82 -7.94
CA ILE B 237 8.96 3.39 -7.98
C ILE B 237 9.10 2.88 -6.57
N GLN B 238 8.05 2.26 -6.03
CA GLN B 238 8.05 1.82 -4.64
C GLN B 238 7.62 0.41 -4.60
N CYS B 239 8.28 -0.39 -3.78
CA CYS B 239 7.94 -1.79 -3.69
C CYS B 239 8.28 -2.29 -2.33
N GLU B 240 7.25 -2.75 -1.61
CA GLU B 240 7.39 -3.27 -0.26
C GLU B 240 6.88 -4.71 -0.24
N ILE B 241 7.65 -5.61 0.36
CA ILE B 241 7.24 -7.00 0.43
C ILE B 241 7.06 -7.40 1.87
N VAL B 242 5.82 -7.71 2.25
CA VAL B 242 5.56 -8.14 3.62
C VAL B 242 5.63 -9.64 3.70
N GLY B 243 6.51 -10.16 4.55
CA GLY B 243 6.64 -11.59 4.74
C GLY B 243 6.16 -12.01 6.10
N GLU B 244 6.30 -13.29 6.40
CA GLU B 244 5.72 -13.83 7.61
C GLU B 244 6.34 -13.19 8.85
N ASP B 245 7.64 -12.92 8.80
CA ASP B 245 8.43 -12.54 9.98
C ASP B 245 9.14 -11.18 9.84
N GLY B 246 8.86 -10.47 8.75
CA GLY B 246 9.46 -9.19 8.56
C GLY B 246 9.13 -8.61 7.21
N ILE B 247 9.60 -7.39 6.98
CA ILE B 247 9.30 -6.63 5.78
C ILE B 247 10.59 -6.08 5.12
N ILE B 248 10.68 -6.19 3.79
CA ILE B 248 11.80 -5.59 3.06
C ILE B 248 11.31 -4.60 2.02
N LYS B 249 12.09 -3.57 1.74
CA LYS B 249 11.59 -2.49 0.88
C LYS B 249 12.65 -1.90 -0.07
N LEU B 250 12.22 -1.56 -1.27
CA LEU B 250 13.11 -0.98 -2.26
C LEU B 250 13.60 0.41 -1.80
N PRO B 251 14.86 0.72 -2.09
CA PRO B 251 15.47 2.01 -1.75
C PRO B 251 15.00 3.13 -2.67
N GLU B 252 15.16 4.38 -2.21
CA GLU B 252 15.05 5.53 -3.09
C GLU B 252 16.36 5.62 -3.86
N PRO B 253 16.34 6.24 -5.04
CA PRO B 253 17.61 6.56 -5.71
C PRO B 253 18.49 7.46 -4.83
N SER B 254 19.82 7.28 -4.85
CA SER B 254 20.72 8.07 -4.00
C SER B 254 20.56 9.56 -4.21
N SER B 255 20.56 10.31 -3.11
CA SER B 255 20.46 11.77 -3.20
C SER B 255 21.09 12.48 -1.99
N ILE B 256 21.78 13.59 -2.23
CA ILE B 256 22.25 14.43 -1.13
C ILE B 256 21.03 14.96 -0.38
N SER B 257 21.10 15.00 0.96
CA SER B 257 20.07 15.65 1.75
C SER B 257 20.37 17.14 1.85
N LEU B 258 19.34 17.94 2.09
CA LEU B 258 19.51 19.38 2.20
C LEU B 258 18.69 19.91 3.39
N ARG B 259 19.25 20.82 4.17
CA ARG B 259 18.47 21.54 5.17
C ARG B 259 18.37 23.02 4.82
N LYS B 260 17.19 23.49 4.49
CA LYS B 260 17.02 24.88 4.07
C LYS B 260 15.57 25.30 4.24
N GLU B 261 15.34 26.57 4.50
CA GLU B 261 13.99 27.11 4.76
C GLU B 261 12.99 26.13 5.39
N GLY B 262 13.27 25.70 6.61
CA GLY B 262 12.34 24.89 7.36
C GLY B 262 12.17 23.43 6.97
N ARG B 263 12.89 22.96 5.94
CA ARG B 263 12.69 21.59 5.49
C ARG B 263 14.00 20.81 5.38
N PHE B 264 13.93 19.52 5.72
CA PHE B 264 14.99 18.54 5.50
C PHE B 264 14.57 17.71 4.28
N SER B 265 15.29 17.80 3.17
CA SER B 265 14.83 17.12 1.96
C SER B 265 15.83 16.26 1.20
N THR B 266 15.30 15.34 0.38
CA THR B 266 16.08 14.73 -0.69
C THR B 266 15.42 14.96 -2.05
N ASP B 267 16.17 14.72 -3.12
CA ASP B 267 15.64 14.88 -4.47
C ASP B 267 14.91 13.64 -4.99
N ILE B 268 13.80 13.90 -5.70
CA ILE B 268 13.10 12.88 -6.47
C ILE B 268 13.27 13.17 -7.96
N LEU B 269 13.52 12.12 -8.75
CA LEU B 269 13.69 12.25 -10.20
C LEU B 269 12.42 12.75 -10.91
N MET B 270 12.58 13.51 -11.98
CA MET B 270 11.42 13.87 -12.80
C MET B 270 11.35 13.07 -14.11
N ASP B 271 12.37 12.25 -14.40
CA ASP B 271 12.53 11.61 -15.72
C ASP B 271 12.70 10.08 -15.73
N TRP B 272 11.64 9.36 -16.10
CA TRP B 272 11.69 7.90 -16.09
C TRP B 272 13.01 7.37 -16.70
N GLN B 273 13.59 8.10 -17.64
CA GLN B 273 14.78 7.62 -18.34
C GLN B 273 15.94 7.43 -17.36
N ARG B 274 16.11 8.44 -16.49
CA ARG B 274 17.20 8.49 -15.49
C ARG B 274 17.16 7.39 -14.42
N ARG B 275 15.97 6.86 -14.13
CA ARG B 275 15.80 5.95 -12.98
C ARG B 275 16.54 4.63 -13.10
N PHE B 276 16.61 4.08 -14.31
CA PHE B 276 17.16 2.73 -14.47
C PHE B 276 18.40 2.66 -15.39
N VAL B 277 18.93 3.82 -15.75
CA VAL B 277 20.18 3.93 -16.49
C VAL B 277 21.23 2.84 -16.17
N ALA B 278 21.49 2.57 -14.89
CA ALA B 278 22.48 1.54 -14.56
C ALA B 278 22.07 0.12 -14.95
N ALA B 279 20.77 -0.18 -14.90
CA ALA B 279 20.30 -1.54 -15.15
C ALA B 279 20.21 -1.77 -16.66
N TYR B 280 20.00 -0.73 -17.44
CA TYR B 280 20.13 -0.87 -18.88
C TYR B 280 21.56 -1.33 -19.21
N ASP B 281 22.56 -0.57 -18.75
CA ASP B 281 23.97 -0.90 -18.99
C ASP B 281 24.31 -2.34 -18.62
N VAL B 282 23.80 -2.79 -17.49
CA VAL B 282 24.24 -4.06 -16.91
C VAL B 282 23.57 -5.21 -17.63
N GLU B 283 22.35 -4.94 -18.09
CA GLU B 283 21.51 -5.84 -18.86
C GLU B 283 22.13 -6.15 -20.23
N ILE B 284 22.48 -5.10 -20.97
CA ILE B 284 23.09 -5.25 -22.28
C ILE B 284 24.43 -5.98 -22.14
N GLN B 285 25.34 -5.46 -21.31
CA GLN B 285 26.62 -6.11 -21.06
C GLN B 285 26.49 -7.59 -20.74
N ASP B 286 25.34 -7.99 -20.22
CA ASP B 286 25.12 -9.38 -19.84
C ASP B 286 24.63 -10.23 -21.01
N PHE B 287 23.96 -9.60 -21.95
CA PHE B 287 23.63 -10.20 -23.24
C PHE B 287 24.97 -10.50 -23.92
N ILE B 288 25.78 -9.45 -24.09
CA ILE B 288 27.12 -9.57 -24.63
C ILE B 288 27.93 -10.67 -23.94
N ASP B 289 28.25 -10.48 -22.66
CA ASP B 289 29.09 -11.44 -21.92
C ASP B 289 28.54 -12.86 -21.94
N SER B 290 27.22 -12.99 -21.81
CA SER B 290 26.63 -14.31 -21.72
C SER B 290 26.73 -15.05 -23.05
N ILE B 291 26.78 -14.31 -24.14
CA ILE B 291 26.88 -14.93 -25.45
C ILE B 291 28.30 -15.46 -25.73
N GLN B 292 29.29 -14.60 -25.56
CA GLN B 292 30.69 -14.96 -25.77
C GLN B 292 31.29 -15.98 -24.79
N LYS B 293 30.57 -16.30 -23.73
CA LYS B 293 31.14 -17.15 -22.68
C LYS B 293 30.19 -18.26 -22.28
N LYS B 294 29.38 -18.74 -23.23
CA LYS B 294 28.30 -19.70 -22.93
C LYS B 294 27.58 -20.17 -24.20
N GLY B 295 27.62 -19.34 -25.24
CA GLY B 295 26.90 -19.62 -26.47
C GLY B 295 25.37 -19.50 -26.41
N GLU B 296 24.85 -18.86 -25.37
CA GLU B 296 23.41 -18.59 -25.27
C GLU B 296 23.15 -17.34 -24.43
N VAL B 297 21.90 -16.89 -24.38
CA VAL B 297 21.56 -15.69 -23.62
C VAL B 297 21.04 -16.04 -22.23
N SER B 298 21.17 -15.11 -21.29
CA SER B 298 20.96 -15.42 -19.87
C SER B 298 19.75 -14.75 -19.20
N GLY B 299 19.34 -13.60 -19.73
CA GLY B 299 18.38 -12.78 -19.01
C GLY B 299 16.97 -13.36 -18.87
N PRO B 300 15.98 -12.46 -18.80
CA PRO B 300 14.55 -12.77 -18.92
C PRO B 300 14.26 -13.49 -20.25
N THR B 301 13.39 -14.49 -20.20
CA THR B 301 13.22 -15.39 -21.34
C THR B 301 11.99 -15.11 -22.17
N ALA B 302 11.90 -15.80 -23.30
CA ALA B 302 10.75 -15.67 -24.18
C ALA B 302 9.54 -16.07 -23.39
N TRP B 303 9.74 -17.01 -22.48
CA TRP B 303 8.64 -17.50 -21.66
C TRP B 303 8.11 -16.40 -20.72
N ASP B 304 9.05 -15.71 -20.10
CA ASP B 304 8.73 -14.60 -19.21
C ASP B 304 7.96 -13.52 -19.98
N GLY B 305 8.35 -13.31 -21.24
CA GLY B 305 7.60 -12.42 -22.12
C GLY B 305 6.16 -12.92 -22.29
N TYR B 306 5.99 -14.24 -22.37
CA TYR B 306 4.66 -14.83 -22.52
C TYR B 306 3.83 -14.58 -21.26
N ILE B 307 4.40 -14.83 -20.09
CA ILE B 307 3.71 -14.54 -18.83
C ILE B 307 3.28 -13.07 -18.70
N ALA B 308 4.13 -12.16 -19.14
CA ALA B 308 3.78 -10.75 -19.14
C ALA B 308 2.60 -10.47 -20.08
N ALA B 309 2.53 -11.22 -21.17
CA ALA B 309 1.50 -10.98 -22.17
C ALA B 309 0.13 -11.44 -21.67
N VAL B 310 0.08 -12.59 -20.99
CA VAL B 310 -1.20 -13.13 -20.52
C VAL B 310 -1.82 -12.26 -19.45
N THR B 311 -1.00 -11.93 -18.46
CA THR B 311 -1.38 -11.09 -17.34
C THR B 311 -1.72 -9.67 -17.82
N THR B 312 -0.87 -9.09 -18.66
CA THR B 312 -1.20 -7.81 -19.28
C THR B 312 -2.59 -7.83 -19.96
N ASP B 313 -2.94 -8.97 -20.57
CA ASP B 313 -4.24 -9.12 -21.22
C ASP B 313 -5.38 -9.20 -20.20
N ALA B 314 -5.25 -10.09 -19.21
CA ALA B 314 -6.23 -10.18 -18.12
C ALA B 314 -6.47 -8.83 -17.43
N CYS B 315 -5.43 -8.00 -17.34
CA CYS B 315 -5.55 -6.69 -16.72
C CYS B 315 -6.41 -5.76 -17.56
N VAL B 316 -6.08 -5.66 -18.84
CA VAL B 316 -6.88 -4.87 -19.77
C VAL B 316 -8.33 -5.38 -19.79
N LYS B 317 -8.51 -6.67 -19.49
CA LYS B 317 -9.85 -7.25 -19.40
C LYS B 317 -10.60 -6.77 -18.15
N ALA B 318 -9.96 -6.90 -16.99
CA ALA B 318 -10.56 -6.47 -15.73
C ALA B 318 -10.65 -4.95 -15.71
N GLN B 319 -10.06 -4.34 -16.73
CA GLN B 319 -9.92 -2.90 -16.81
C GLN B 319 -11.23 -2.26 -17.27
N GLU B 320 -11.93 -2.93 -18.18
CA GLU B 320 -13.23 -2.43 -18.62
C GLU B 320 -14.38 -3.33 -18.19
N SER B 321 -14.05 -4.55 -17.77
CA SER B 321 -15.03 -5.44 -17.16
C SER B 321 -15.46 -4.94 -15.78
N GLY B 322 -14.50 -4.50 -14.97
CA GLY B 322 -14.79 -4.09 -13.60
C GLY B 322 -14.86 -5.31 -12.70
N GLN B 323 -14.75 -6.49 -13.31
CA GLN B 323 -14.84 -7.75 -12.58
C GLN B 323 -13.45 -8.32 -12.26
N LYS B 324 -13.45 -9.38 -11.45
CA LYS B 324 -12.24 -10.12 -11.10
C LYS B 324 -11.88 -11.14 -12.18
N GLU B 325 -11.12 -10.70 -13.18
CA GLU B 325 -10.69 -11.56 -14.30
C GLU B 325 -9.69 -12.62 -13.90
N LYS B 326 -9.50 -13.59 -14.77
CA LYS B 326 -8.63 -14.73 -14.48
C LYS B 326 -7.40 -14.72 -15.39
N VAL B 327 -6.28 -15.25 -14.90
CA VAL B 327 -5.06 -15.36 -15.67
C VAL B 327 -4.76 -16.84 -15.89
N GLU B 328 -4.89 -17.27 -17.14
CA GLU B 328 -4.72 -18.68 -17.51
C GLU B 328 -3.45 -18.90 -18.31
N LEU B 329 -2.55 -19.69 -17.74
CA LEU B 329 -1.25 -19.89 -18.35
C LEU B 329 -1.10 -21.34 -18.80
N LYS B 330 -0.47 -21.54 -19.96
CA LYS B 330 -0.17 -22.89 -20.42
C LYS B 330 0.99 -23.49 -19.60
N GLU B 331 1.16 -24.80 -19.69
CA GLU B 331 2.21 -25.47 -18.92
C GLU B 331 3.58 -24.90 -19.29
N LYS B 332 4.44 -24.74 -18.29
CA LYS B 332 5.77 -24.22 -18.52
C LYS B 332 6.69 -25.30 -19.12
N PRO B 333 6.98 -25.19 -20.44
CA PRO B 333 7.73 -26.20 -21.20
C PRO B 333 9.03 -26.59 -20.52
N GLU B 334 9.40 -27.87 -20.60
CA GLU B 334 10.60 -28.33 -19.90
C GLU B 334 11.82 -27.55 -20.37
N PHE B 335 11.76 -27.11 -21.62
CA PHE B 335 12.81 -26.28 -22.18
C PHE B 335 13.24 -25.15 -21.23
N TYR B 336 12.32 -24.63 -20.44
CA TYR B 336 12.59 -23.43 -19.66
C TYR B 336 12.82 -23.65 -18.18
N GLN B 337 13.52 -24.74 -17.84
CA GLN B 337 13.96 -24.98 -16.47
C GLN B 337 14.75 -26.27 -16.33
PA NAD C . -11.01 -5.59 31.10
O1A NAD C . -9.56 -5.75 31.39
O2A NAD C . -11.66 -6.84 30.63
O5B NAD C . -11.73 -5.06 32.44
C5B NAD C . -12.99 -4.42 32.42
C4B NAD C . -13.48 -4.35 33.87
O4B NAD C . -14.79 -3.80 33.92
C3B NAD C . -13.54 -5.77 34.45
O3B NAD C . -13.08 -5.81 35.79
C2B NAD C . -15.02 -6.13 34.33
O2B NAD C . -15.36 -7.07 35.32
C1B NAD C . -15.69 -4.74 34.49
N9A NAD C . -17.08 -4.61 33.96
C8A NAD C . -17.69 -5.33 32.94
N7A NAD C . -18.96 -4.89 32.77
C5A NAD C . -19.21 -3.88 33.66
C6A NAD C . -20.33 -3.06 33.94
N6A NAD C . -21.49 -3.20 33.27
N1A NAD C . -20.25 -2.11 34.92
C2A NAD C . -19.08 -1.95 35.65
N3A NAD C . -17.97 -2.75 35.39
C4A NAD C . -18.02 -3.70 34.42
O3 NAD C . -11.29 -4.42 30.01
PN NAD C . -10.20 -3.30 29.57
O1N NAD C . -9.93 -2.43 30.74
O2N NAD C . -9.06 -4.01 28.94
O5D NAD C . -10.96 -2.47 28.40
C5D NAD C . -12.17 -1.73 28.54
C4D NAD C . -12.74 -1.22 27.19
O4D NAD C . -11.89 -0.27 26.56
C3D NAD C . -13.03 -2.31 26.16
O3D NAD C . -14.29 -2.07 25.58
C2D NAD C . -11.92 -2.17 25.12
O2D NAD C . -12.26 -2.63 23.83
C1D NAD C . -11.58 -0.68 25.22
N1N NAD C . -10.18 -0.34 24.84
C2N NAD C . -9.93 0.76 24.06
C3N NAD C . -8.62 1.09 23.72
C7N NAD C . -8.32 2.30 22.87
O7N NAD C . -6.98 2.46 22.41
N7N NAD C . -9.28 3.19 22.59
C4N NAD C . -7.55 0.30 24.16
C5N NAD C . -7.80 -0.82 24.95
C6N NAD C . -9.12 -1.13 25.28
PA NAD D . 10.09 5.07 -31.06
O1A NAD D . 11.15 6.09 -30.78
O2A NAD D . 8.89 5.60 -31.72
O5B NAD D . 10.74 3.90 -31.94
C5B NAD D . 10.12 3.39 -33.10
C4B NAD D . 11.12 3.55 -34.25
O4B NAD D . 11.29 2.34 -34.95
C3B NAD D . 10.66 4.57 -35.28
O3B NAD D . 11.80 5.29 -35.68
C2B NAD D . 10.07 3.74 -36.42
O2B NAD D . 10.26 4.38 -37.66
C1B NAD D . 10.88 2.45 -36.31
N9A NAD D . 10.23 1.17 -36.73
C8A NAD D . 8.96 0.72 -36.44
N7A NAD D . 8.84 -0.56 -36.91
C5A NAD D . 10.02 -0.93 -37.48
C6A NAD D . 10.46 -2.12 -38.12
N6A NAD D . 9.65 -3.17 -38.23
N1A NAD D . 11.74 -2.20 -38.63
C2A NAD D . 12.60 -1.12 -38.52
N3A NAD D . 12.17 0.04 -37.89
C4A NAD D . 10.90 0.15 -37.38
O3 NAD D . 9.60 4.33 -29.71
PN NAD D . 10.45 4.37 -28.33
O1N NAD D . 11.84 4.78 -28.69
O2N NAD D . 9.64 5.10 -27.32
O5D NAD D . 10.40 2.81 -27.87
C5D NAD D . 10.61 1.73 -28.75
C4D NAD D . 10.29 0.41 -28.03
O4D NAD D . 10.95 0.34 -26.79
C3D NAD D . 8.81 0.20 -27.73
O3D NAD D . 8.43 -1.13 -28.05
C2D NAD D . 8.68 0.45 -26.24
O2D NAD D . 7.65 -0.33 -25.67
C1D NAD D . 10.05 0.02 -25.73
N1N NAD D . 10.48 0.69 -24.47
C2N NAD D . 10.75 -0.07 -23.35
C3N NAD D . 11.17 0.56 -22.16
C7N NAD D . 11.49 -0.17 -20.88
O7N NAD D . 11.47 0.59 -19.70
N7N NAD D . 11.91 -1.44 -20.85
C4N NAD D . 11.29 1.95 -22.15
C5N NAD D . 11.01 2.72 -23.28
C6N NAD D . 10.60 2.06 -24.44
#